data_1DJY
#
_entry.id   1DJY
#
_cell.length_a   397.130
_cell.length_b   397.130
_cell.length_c   397.130
_cell.angle_alpha   90.00
_cell.angle_beta   90.00
_cell.angle_gamma   90.00
#
_symmetry.space_group_name_H-M   'F 41 3 2'
#
loop_
_entity.id
_entity.type
_entity.pdbx_description
1 polymer 'PHOSPHOINOSITIDE-SPECIFIC PHOSPHOLIPASE C, ISOZYME DELTA1'
2 non-polymer 'CALCIUM ION'
3 non-polymer 'ACETATE ION'
4 non-polymer D-MYO-INOSITOL-2,4,5-TRIPHOSPHATE
5 water water
#
_entity_poly.entity_id   1
_entity_poly.type   'polypeptide(L)'
_entity_poly.pdbx_seq_one_letter_code
;GSMDQRQKLQHWIHSCLRKADKNKDNKMNFKELKDFLKELNIQVDDGYARKIFRECDHSQTDSLEDEEIETFYKMLTQRA
EIDRAFEEAAGSAETLSVERLVTFLQHQQREEEAGPALALSLIERYEPSETAKAQRQMTKDGFLMYLLSADGNAFSLAHR
RVYQDMDQPLSHYLVSSSHNTYLLEDQLTGPSSTEAYIRALCKGCRCLELDCWDGPNQEPIIYHGYTFTSKILFCDVLRA
IRDYAFKASPYPVILSLENHCSLEQQRVMARHLRAILGPILLDQPLDGVTTSLPSPEQLKGKILLKGKKLGGLLPAGGEN
GSEATDVSDEVEAAEMEDEAVRSQVQHKPKEDKLKLVPELSDMIIYCKSVHFGGFSSPGTSGQAFYEMASFSESRALRLL
QESGNGFVRHNVSCLSRIYPAGWRTDSSNYSPVEMWNGGCQIVALNFQTPGPEMDVYLGCFQDNGGCGYVLKPAFLRDPN
TTFNSRALTQGPWWRPERLRVRIISGQQLPKVNKNKNSIVDPKVIVEIHGVGRDTGSRQTAVITNNGFNPRWDMEFEFEV
TVPDLALVRFMVEDYDSSSKNDFIGQSTIPWNSLKQGYRHVHLLSKNGDQHPSATLFVKISIQD
;
_entity_poly.pdbx_strand_id   A,B
#
# COMPACT_ATOMS: atom_id res chain seq x y z
N GLU A 68 47.38 12.86 5.43
CA GLU A 68 47.88 11.90 4.45
C GLU A 68 48.01 10.57 5.14
N ILE A 69 48.94 10.52 6.11
CA ILE A 69 49.17 9.36 6.99
C ILE A 69 48.19 9.68 8.16
N GLU A 70 47.74 10.95 8.13
CA GLU A 70 46.74 11.47 9.06
C GLU A 70 45.51 11.13 8.22
N THR A 71 45.47 11.75 7.03
CA THR A 71 44.42 11.53 6.05
C THR A 71 44.12 10.01 5.89
N PHE A 72 45.18 9.21 5.69
CA PHE A 72 45.11 7.73 5.55
C PHE A 72 44.16 7.18 6.58
N TYR A 73 44.66 7.03 7.81
CA TYR A 73 43.87 6.53 8.91
C TYR A 73 42.56 7.27 9.02
N LYS A 74 42.61 8.57 8.76
CA LYS A 74 41.38 9.35 8.81
C LYS A 74 40.57 9.13 7.55
N MET A 75 41.14 8.35 6.63
CA MET A 75 40.45 8.03 5.40
C MET A 75 40.10 6.56 5.33
N LEU A 76 41.01 5.75 5.86
CA LEU A 76 40.79 4.33 5.92
C LEU A 76 39.64 4.21 6.89
N THR A 77 39.51 5.25 7.72
CA THR A 77 38.47 5.34 8.72
C THR A 77 37.60 6.50 8.31
N GLN A 78 36.72 6.25 7.35
CA GLN A 78 35.82 7.28 6.84
C GLN A 78 34.57 6.59 6.26
N ARG A 79 33.48 6.62 7.00
CA ARG A 79 32.24 5.97 6.64
C ARG A 79 31.14 6.96 6.35
N ALA A 80 31.02 7.30 5.07
CA ALA A 80 30.00 8.28 4.69
C ALA A 80 28.62 7.95 5.23
N GLU A 81 28.24 6.69 5.15
CA GLU A 81 26.90 6.28 5.57
C GLU A 81 26.68 6.71 7.01
N ILE A 82 27.76 6.70 7.77
CA ILE A 82 27.70 7.06 9.17
C ILE A 82 27.55 8.57 9.22
N ASP A 83 28.40 9.26 8.47
CA ASP A 83 28.38 10.70 8.38
C ASP A 83 26.98 11.12 8.00
N ARG A 84 26.58 10.68 6.82
CA ARG A 84 25.26 10.89 6.25
C ARG A 84 24.19 10.72 7.33
N ALA A 85 24.27 9.64 8.11
CA ALA A 85 23.30 9.39 9.17
C ALA A 85 23.34 10.44 10.31
N PHE A 86 24.55 10.81 10.73
CA PHE A 86 24.72 11.78 11.81
C PHE A 86 24.11 13.09 11.37
N GLU A 87 24.50 13.51 10.19
CA GLU A 87 24.01 14.74 9.60
C GLU A 87 22.51 14.81 9.68
N GLU A 88 21.85 13.84 9.07
CA GLU A 88 20.38 13.84 9.09
C GLU A 88 19.82 13.98 10.49
N ALA A 89 20.47 13.34 11.44
CA ALA A 89 19.97 13.40 12.78
C ALA A 89 20.41 14.70 13.42
N ALA A 90 21.64 15.11 13.12
CA ALA A 90 22.20 16.29 13.72
C ALA A 90 21.88 17.53 12.96
N GLY A 91 21.33 17.35 11.78
CA GLY A 91 21.02 18.49 10.97
C GLY A 91 22.33 19.25 10.70
N SER A 92 22.31 20.55 10.96
CA SER A 92 23.46 21.42 10.74
C SER A 92 24.44 21.43 11.92
N ALA A 93 23.97 21.11 13.11
CA ALA A 93 24.81 21.11 14.27
C ALA A 93 25.97 20.12 14.13
N GLU A 94 27.02 20.36 14.89
CA GLU A 94 28.15 19.51 14.85
C GLU A 94 27.97 18.44 15.91
N THR A 95 26.93 18.57 16.70
CA THR A 95 26.71 17.59 17.74
C THR A 95 25.26 17.26 17.82
N LEU A 96 24.95 16.24 18.61
CA LEU A 96 23.55 15.82 18.83
C LEU A 96 23.11 16.10 20.25
N SER A 97 22.22 17.08 20.36
CA SER A 97 21.65 17.47 21.63
C SER A 97 20.75 16.36 22.04
N VAL A 98 20.48 16.27 23.32
CA VAL A 98 19.60 15.22 23.83
C VAL A 98 18.31 15.10 23.01
N GLU A 99 17.69 16.25 22.91
CA GLU A 99 16.47 16.47 22.18
C GLU A 99 16.61 15.82 20.81
N ARG A 100 17.72 16.09 20.16
CA ARG A 100 17.95 15.53 18.83
C ARG A 100 18.19 14.04 18.91
N LEU A 101 18.99 13.63 19.87
CA LEU A 101 19.26 12.23 20.02
C LEU A 101 17.94 11.47 20.26
N VAL A 102 17.14 11.96 21.19
CA VAL A 102 15.91 11.29 21.54
C VAL A 102 15.05 11.16 20.30
N THR A 103 15.03 12.16 19.50
CA THR A 103 14.24 12.11 18.31
C THR A 103 14.71 10.95 17.46
N PHE A 104 16.03 10.86 17.32
CA PHE A 104 16.66 9.79 16.53
C PHE A 104 16.22 8.43 17.09
N LEU A 105 16.39 8.28 18.40
CA LEU A 105 15.99 7.04 19.04
C LEU A 105 14.56 6.64 18.81
N GLN A 106 13.71 7.65 18.68
CA GLN A 106 12.31 7.42 18.60
C GLN A 106 11.87 7.26 17.19
N HIS A 107 12.43 8.06 16.30
CA HIS A 107 11.97 8.01 14.95
C HIS A 107 12.62 7.04 14.09
N GLN A 108 13.91 6.83 14.32
CA GLN A 108 14.75 5.92 13.52
C GLN A 108 14.92 4.61 14.24
N GLN A 109 15.48 4.64 15.45
CA GLN A 109 15.75 3.43 16.16
C GLN A 109 14.51 2.85 16.78
N ARG A 110 13.38 3.47 16.49
CA ARG A 110 12.06 3.07 17.00
C ARG A 110 12.06 2.51 18.41
N GLU A 111 12.79 3.18 19.28
CA GLU A 111 12.85 2.73 20.67
C GLU A 111 11.62 3.02 21.47
N GLU A 112 11.33 2.10 22.37
CA GLU A 112 10.11 2.20 23.18
C GLU A 112 10.35 3.05 24.40
N GLU A 113 11.39 2.69 25.12
CA GLU A 113 11.78 3.44 26.28
C GLU A 113 12.44 4.74 25.83
N ALA A 114 12.16 5.16 24.60
CA ALA A 114 12.74 6.38 24.08
C ALA A 114 12.42 7.51 25.04
N GLY A 115 13.45 8.23 25.41
CA GLY A 115 13.35 9.32 26.32
C GLY A 115 14.75 9.68 26.77
N PRO A 116 14.91 10.95 27.10
CA PRO A 116 16.14 11.55 27.58
C PRO A 116 16.90 10.64 28.51
N ALA A 117 16.18 9.92 29.34
CA ALA A 117 16.80 9.00 30.27
C ALA A 117 17.74 8.02 29.53
N LEU A 118 17.25 7.46 28.42
CA LEU A 118 18.00 6.56 27.60
C LEU A 118 19.06 7.36 26.87
N ALA A 119 18.61 8.41 26.17
CA ALA A 119 19.50 9.33 25.46
C ALA A 119 20.74 9.69 26.35
N LEU A 120 20.52 9.91 27.64
CA LEU A 120 21.65 10.18 28.50
C LEU A 120 22.49 9.01 28.70
N SER A 121 21.86 7.88 28.94
CA SER A 121 22.60 6.66 29.23
C SER A 121 23.54 6.42 28.08
N LEU A 122 23.02 6.57 26.87
CA LEU A 122 23.87 6.34 25.71
C LEU A 122 25.08 7.23 25.74
N ILE A 123 24.82 8.52 25.90
CA ILE A 123 25.88 9.50 25.94
C ILE A 123 26.90 9.18 27.03
N GLU A 124 26.40 8.86 28.20
CA GLU A 124 27.28 8.60 29.35
C GLU A 124 28.09 7.39 29.10
N ARG A 125 27.53 6.57 28.25
CA ARG A 125 28.10 5.31 27.98
C ARG A 125 29.04 5.37 26.81
N TYR A 126 28.62 6.03 25.77
CA TYR A 126 29.40 5.99 24.57
C TYR A 126 30.10 7.22 24.11
N GLU A 127 29.75 8.39 24.66
CA GLU A 127 30.40 9.63 24.21
C GLU A 127 31.87 9.77 24.66
N PRO A 128 32.80 9.78 23.69
CA PRO A 128 34.24 9.86 23.94
C PRO A 128 34.61 11.24 24.49
N SER A 129 34.09 12.30 23.85
CA SER A 129 34.38 13.63 24.31
C SER A 129 33.93 14.01 25.70
N GLU A 130 34.84 14.55 26.49
CA GLU A 130 34.50 14.97 27.84
C GLU A 130 33.60 16.20 27.86
N THR A 131 33.85 17.09 26.91
CA THR A 131 33.08 18.29 26.81
C THR A 131 31.65 17.91 26.60
N ALA A 132 31.34 17.42 25.40
CA ALA A 132 29.99 16.94 25.01
C ALA A 132 29.41 15.94 26.01
N LYS A 133 30.26 15.13 26.59
CA LYS A 133 29.75 14.20 27.54
C LYS A 133 29.17 14.98 28.67
N ALA A 134 30.00 15.81 29.28
CA ALA A 134 29.62 16.66 30.41
C ALA A 134 28.45 17.58 30.07
N GLN A 135 28.44 18.10 28.86
CA GLN A 135 27.41 19.02 28.42
C GLN A 135 26.16 18.33 27.89
N ARG A 136 26.06 17.03 28.14
CA ARG A 136 24.92 16.23 27.67
C ARG A 136 24.67 16.32 26.17
N GLN A 137 25.73 16.05 25.39
CA GLN A 137 25.68 16.08 23.92
C GLN A 137 26.40 14.87 23.30
N MET A 138 26.08 14.57 22.05
CA MET A 138 26.73 13.46 21.37
C MET A 138 27.44 13.86 20.09
N THR A 139 28.69 13.42 19.97
CA THR A 139 29.50 13.71 18.78
C THR A 139 29.38 12.61 17.73
N LYS A 140 29.90 12.85 16.52
CA LYS A 140 29.80 11.83 15.50
C LYS A 140 30.43 10.57 16.00
N ASP A 141 31.53 10.74 16.67
CA ASP A 141 32.23 9.63 17.24
C ASP A 141 31.39 8.83 18.20
N GLY A 142 30.79 9.50 19.16
CA GLY A 142 29.94 8.86 20.13
C GLY A 142 28.77 8.23 19.40
N PHE A 143 28.30 8.89 18.35
CA PHE A 143 27.18 8.36 17.56
C PHE A 143 27.57 6.95 17.11
N LEU A 144 28.70 6.87 16.44
CA LEU A 144 29.28 5.65 15.95
C LEU A 144 29.47 4.58 17.00
N MET A 145 30.11 4.97 18.07
CA MET A 145 30.38 4.05 19.16
C MET A 145 29.13 3.40 19.61
N TYR A 146 28.06 4.17 19.68
CA TYR A 146 26.77 3.66 20.10
C TYR A 146 26.33 2.66 19.06
N LEU A 147 26.36 3.09 17.81
CA LEU A 147 25.96 2.26 16.70
C LEU A 147 26.71 0.94 16.66
N LEU A 148 27.94 0.90 17.12
CA LEU A 148 28.69 -0.36 17.12
C LEU A 148 28.64 -1.08 18.43
N SER A 149 27.96 -0.50 19.40
CA SER A 149 27.87 -1.08 20.75
C SER A 149 26.77 -2.11 20.81
N ALA A 150 26.67 -2.79 21.95
CA ALA A 150 25.63 -3.76 22.20
C ALA A 150 24.29 -3.08 22.08
N ASP A 151 24.30 -1.74 22.19
CA ASP A 151 23.05 -0.96 22.15
C ASP A 151 22.65 -0.75 20.73
N GLY A 152 23.62 -0.76 19.83
CA GLY A 152 23.39 -0.53 18.41
C GLY A 152 23.39 -1.83 17.62
N ASN A 153 23.46 -2.94 18.34
CA ASN A 153 23.39 -4.25 17.76
C ASN A 153 21.98 -4.49 17.22
N ALA A 154 21.86 -5.15 16.07
CA ALA A 154 20.55 -5.52 15.54
C ALA A 154 19.90 -6.59 16.42
N PHE A 155 20.70 -7.28 17.22
CA PHE A 155 20.13 -8.27 18.09
C PHE A 155 19.86 -7.63 19.44
N SER A 156 18.58 -7.41 19.75
CA SER A 156 18.14 -6.76 20.98
C SER A 156 18.89 -7.07 22.25
N LEU A 157 19.66 -6.06 22.68
CA LEU A 157 20.47 -6.15 23.90
C LEU A 157 19.59 -6.59 25.09
N ALA A 158 18.33 -6.18 25.08
CA ALA A 158 17.43 -6.60 26.18
C ALA A 158 17.14 -8.07 26.13
N HIS A 159 17.12 -8.66 24.95
CA HIS A 159 16.80 -10.08 24.85
C HIS A 159 17.98 -10.96 25.19
N ARG A 160 19.11 -10.30 25.38
CA ARG A 160 20.30 -11.03 25.70
C ARG A 160 20.49 -11.27 27.15
N ARG A 161 19.39 -11.37 27.89
CA ARG A 161 19.42 -11.69 29.32
C ARG A 161 18.10 -12.39 29.54
N VAL A 162 18.07 -13.38 30.44
CA VAL A 162 16.81 -14.09 30.74
C VAL A 162 15.73 -13.09 31.04
N TYR A 163 14.76 -12.98 30.20
CA TYR A 163 13.76 -11.98 30.42
C TYR A 163 12.35 -12.48 30.27
N GLN A 164 12.17 -13.80 30.08
CA GLN A 164 10.83 -14.37 29.88
C GLN A 164 10.30 -15.11 31.11
N ASP A 165 9.05 -15.55 30.99
CA ASP A 165 8.41 -16.30 32.06
C ASP A 165 8.96 -17.71 32.17
N MET A 166 9.75 -17.95 33.21
CA MET A 166 10.39 -19.23 33.45
C MET A 166 9.68 -20.10 34.44
N ASP A 167 8.37 -19.87 34.58
CA ASP A 167 7.53 -20.61 35.53
C ASP A 167 6.47 -21.55 34.91
N GLN A 168 6.47 -21.71 33.59
CA GLN A 168 5.51 -22.57 32.92
C GLN A 168 6.09 -23.97 32.71
N PRO A 169 5.23 -24.98 32.51
CA PRO A 169 5.76 -26.34 32.36
C PRO A 169 6.74 -26.39 31.20
N LEU A 170 7.80 -27.19 31.37
CA LEU A 170 8.85 -27.37 30.37
C LEU A 170 8.31 -27.39 28.98
N SER A 171 7.22 -28.16 28.81
CA SER A 171 6.55 -28.31 27.52
C SER A 171 6.18 -27.00 26.86
N HIS A 172 6.31 -25.90 27.58
CA HIS A 172 5.95 -24.58 27.03
C HIS A 172 7.13 -23.85 26.47
N TYR A 173 8.28 -24.51 26.59
CA TYR A 173 9.50 -23.90 26.14
C TYR A 173 10.14 -24.73 25.08
N LEU A 174 10.88 -24.08 24.20
CA LEU A 174 11.66 -24.77 23.21
C LEU A 174 12.94 -25.00 24.00
N VAL A 175 13.50 -26.21 23.95
CA VAL A 175 14.69 -26.56 24.70
C VAL A 175 15.87 -26.77 23.77
N SER A 176 17.05 -26.35 24.19
CA SER A 176 18.21 -26.48 23.34
C SER A 176 18.74 -27.90 23.47
N SER A 177 18.54 -28.70 22.43
CA SER A 177 18.95 -30.09 22.45
C SER A 177 19.92 -30.52 21.37
N SER A 178 20.72 -31.55 21.69
CA SER A 178 21.70 -32.05 20.75
C SER A 178 21.51 -33.54 20.46
N HIS A 179 22.20 -34.02 19.42
CA HIS A 179 22.13 -35.40 18.98
C HIS A 179 23.52 -36.08 18.98
N ASN A 180 23.59 -37.24 19.67
CA ASN A 180 24.83 -38.05 19.87
C ASN A 180 25.93 -37.11 20.18
N THR A 181 25.69 -36.40 21.29
CA THR A 181 26.53 -35.33 21.74
C THR A 181 27.95 -35.71 21.92
N TYR A 182 28.21 -36.96 22.22
CA TYR A 182 29.58 -37.38 22.40
C TYR A 182 30.39 -37.28 21.10
N LEU A 183 29.66 -37.10 20.01
CA LEU A 183 30.31 -37.14 18.72
C LEU A 183 30.94 -35.81 18.32
N LEU A 184 32.13 -35.92 17.71
CA LEU A 184 32.87 -34.73 17.31
C LEU A 184 32.79 -34.53 15.81
N GLU A 185 32.49 -35.60 15.06
CA GLU A 185 32.46 -35.51 13.60
C GLU A 185 31.29 -36.25 12.98
N ASP A 186 31.60 -37.25 12.12
CA ASP A 186 30.61 -38.08 11.46
C ASP A 186 30.07 -39.13 12.40
N GLN A 187 29.04 -39.84 11.98
CA GLN A 187 28.42 -40.88 12.79
C GLN A 187 28.99 -42.29 12.62
N LEU A 188 29.94 -42.47 11.71
CA LEU A 188 30.40 -43.80 11.41
C LEU A 188 31.74 -44.18 11.93
N THR A 189 32.69 -43.26 11.80
CA THR A 189 34.02 -43.52 12.21
C THR A 189 34.70 -42.31 12.86
N GLY A 190 33.94 -41.28 13.16
CA GLY A 190 34.53 -40.07 13.75
C GLY A 190 34.84 -40.36 15.20
N PRO A 191 35.51 -39.41 15.86
CA PRO A 191 35.87 -39.60 17.26
C PRO A 191 34.79 -39.14 18.18
N SER A 192 34.73 -39.74 19.35
CA SER A 192 33.83 -39.38 20.41
C SER A 192 34.72 -38.69 21.43
N SER A 193 34.16 -37.78 22.23
CA SER A 193 34.96 -37.01 23.22
C SER A 193 34.10 -36.25 24.21
N THR A 194 34.60 -36.12 25.43
CA THR A 194 33.90 -35.42 26.50
C THR A 194 33.91 -33.97 26.08
N GLU A 195 34.92 -33.65 25.28
CA GLU A 195 35.01 -32.30 24.79
C GLU A 195 33.70 -31.93 24.10
N ALA A 196 33.16 -32.89 23.35
CA ALA A 196 31.96 -32.65 22.63
C ALA A 196 30.85 -32.30 23.56
N TYR A 197 30.80 -32.88 24.73
CA TYR A 197 29.73 -32.49 25.65
C TYR A 197 30.03 -31.11 26.26
N ILE A 198 31.30 -30.81 26.44
CA ILE A 198 31.68 -29.53 27.00
C ILE A 198 31.33 -28.43 26.03
N ARG A 199 31.70 -28.61 24.76
CA ARG A 199 31.35 -27.60 23.76
C ARG A 199 29.86 -27.35 23.67
N ALA A 200 29.06 -28.39 23.72
CA ALA A 200 27.63 -28.18 23.58
C ALA A 200 27.13 -27.45 24.76
N LEU A 201 27.61 -27.86 25.91
CA LEU A 201 27.16 -27.22 27.10
C LEU A 201 27.60 -25.75 27.04
N CYS A 202 28.77 -25.50 26.51
CA CYS A 202 29.21 -24.13 26.46
C CYS A 202 28.44 -23.33 25.50
N LYS A 203 27.91 -23.99 24.46
CA LYS A 203 27.08 -23.31 23.45
C LYS A 203 25.65 -23.22 23.95
N GLY A 204 25.42 -23.54 25.21
CA GLY A 204 24.06 -23.46 25.82
C GLY A 204 23.16 -24.69 25.83
N CYS A 205 23.55 -25.75 25.14
CA CYS A 205 22.71 -26.93 25.07
C CYS A 205 22.15 -27.42 26.43
N ARG A 206 20.88 -27.81 26.48
CA ARG A 206 20.29 -28.31 27.74
C ARG A 206 20.00 -29.78 27.72
N CYS A 207 19.72 -30.34 26.57
CA CYS A 207 19.40 -31.74 26.52
C CYS A 207 20.45 -32.46 25.74
N LEU A 208 21.13 -33.38 26.41
CA LEU A 208 22.28 -34.12 25.86
C LEU A 208 22.02 -35.63 25.68
N GLU A 209 22.68 -36.24 24.71
CA GLU A 209 22.43 -37.63 24.45
C GLU A 209 23.62 -38.51 24.78
N LEU A 210 23.35 -39.53 25.58
CA LEU A 210 24.38 -40.49 25.96
C LEU A 210 24.00 -41.88 25.48
N ASP A 211 24.86 -42.49 24.69
CA ASP A 211 24.61 -43.82 24.14
C ASP A 211 25.51 -44.72 24.94
N CYS A 212 24.88 -45.36 25.93
CA CYS A 212 25.56 -46.26 26.83
C CYS A 212 25.62 -47.71 26.42
N TRP A 213 26.84 -48.22 26.44
CA TRP A 213 27.14 -49.59 26.08
C TRP A 213 28.10 -50.19 27.12
N ASP A 214 28.04 -51.50 27.28
CA ASP A 214 28.93 -52.17 28.19
C ASP A 214 30.35 -51.99 27.70
N GLY A 215 31.27 -51.78 28.64
CA GLY A 215 32.69 -51.67 28.29
C GLY A 215 33.52 -52.62 29.16
N PRO A 216 34.82 -52.66 28.90
CA PRO A 216 35.70 -53.52 29.64
C PRO A 216 35.71 -53.15 31.12
N ASN A 217 36.27 -54.09 31.92
CA ASN A 217 36.46 -53.97 33.36
C ASN A 217 35.16 -53.50 33.96
N GLN A 218 34.07 -53.98 33.41
CA GLN A 218 32.78 -53.57 33.95
C GLN A 218 32.54 -52.07 34.04
N GLU A 219 33.16 -51.32 33.13
CA GLU A 219 32.97 -49.87 33.13
C GLU A 219 32.22 -49.55 31.85
N PRO A 220 31.01 -49.03 31.99
CA PRO A 220 30.20 -48.70 30.82
C PRO A 220 30.87 -47.63 29.95
N ILE A 221 30.69 -47.78 28.65
CA ILE A 221 31.25 -46.82 27.72
C ILE A 221 30.18 -46.12 26.89
N ILE A 222 30.63 -45.17 26.08
CA ILE A 222 29.75 -44.36 25.26
C ILE A 222 30.35 -44.24 23.90
N TYR A 223 29.61 -44.70 22.90
CA TYR A 223 30.03 -44.59 21.52
C TYR A 223 28.83 -44.80 20.65
N HIS A 224 29.01 -44.74 19.33
CA HIS A 224 27.88 -44.95 18.42
C HIS A 224 27.78 -46.40 18.05
N GLY A 225 26.80 -47.06 18.68
CA GLY A 225 26.56 -48.48 18.48
C GLY A 225 26.59 -48.95 17.02
N TYR A 226 27.37 -49.98 16.74
CA TYR A 226 27.41 -50.56 15.42
C TYR A 226 28.16 -49.74 14.41
N THR A 227 29.09 -48.92 14.87
CA THR A 227 29.88 -48.16 13.89
C THR A 227 31.25 -48.19 14.46
N PHE A 228 32.16 -47.56 13.76
CA PHE A 228 33.57 -47.48 14.15
C PHE A 228 33.89 -46.20 14.95
N THR A 229 32.90 -45.59 15.58
CA THR A 229 33.16 -44.36 16.31
C THR A 229 33.91 -44.60 17.61
N SER A 230 34.92 -43.79 17.84
CA SER A 230 35.77 -43.81 19.02
C SER A 230 34.92 -43.88 20.25
N LYS A 231 35.48 -44.49 21.30
CA LYS A 231 34.73 -44.67 22.55
C LYS A 231 35.23 -43.79 23.69
N ILE A 232 34.39 -43.64 24.68
CA ILE A 232 34.75 -42.85 25.88
C ILE A 232 33.99 -43.47 27.05
N LEU A 233 34.33 -43.07 28.26
CA LEU A 233 33.71 -43.62 29.44
C LEU A 233 32.51 -42.86 29.93
N PHE A 234 31.51 -43.61 30.31
CA PHE A 234 30.32 -42.99 30.86
C PHE A 234 30.68 -42.06 32.05
N CYS A 235 31.48 -42.53 33.00
CA CYS A 235 31.85 -41.70 34.17
C CYS A 235 32.60 -40.42 33.77
N ASP A 236 33.57 -40.58 32.87
CA ASP A 236 34.31 -39.45 32.39
C ASP A 236 33.37 -38.40 31.83
N VAL A 237 32.33 -38.86 31.17
CA VAL A 237 31.37 -37.96 30.56
C VAL A 237 30.57 -37.29 31.64
N LEU A 238 30.26 -38.05 32.68
CA LEU A 238 29.40 -37.49 33.76
C LEU A 238 30.07 -36.34 34.50
N ARG A 239 31.34 -36.50 34.74
CA ARG A 239 32.13 -35.48 35.37
C ARG A 239 32.05 -34.19 34.55
N ALA A 240 32.37 -34.32 33.27
CA ALA A 240 32.33 -33.19 32.38
C ALA A 240 31.01 -32.51 32.47
N ILE A 241 29.95 -33.30 32.36
CA ILE A 241 28.64 -32.73 32.40
C ILE A 241 28.48 -32.04 33.72
N ARG A 242 29.06 -32.67 34.72
CA ARG A 242 28.94 -32.15 36.09
C ARG A 242 29.50 -30.75 36.16
N ASP A 243 30.69 -30.60 35.64
CA ASP A 243 31.37 -29.34 35.65
C ASP A 243 30.75 -28.27 34.76
N TYR A 244 30.18 -28.65 33.64
CA TYR A 244 29.73 -27.60 32.77
C TYR A 244 28.26 -27.35 32.65
N ALA A 245 27.48 -28.24 33.23
CA ALA A 245 26.05 -28.20 33.12
C ALA A 245 25.44 -26.83 33.18
N PHE A 246 25.99 -26.03 34.08
CA PHE A 246 25.44 -24.71 34.33
C PHE A 246 26.32 -23.51 34.06
N LYS A 247 27.42 -23.76 33.37
CA LYS A 247 28.27 -22.67 33.04
C LYS A 247 27.50 -21.64 32.22
N ALA A 248 26.72 -22.11 31.26
CA ALA A 248 25.99 -21.19 30.38
C ALA A 248 24.61 -20.80 30.85
N SER A 249 24.09 -21.59 31.78
CA SER A 249 22.75 -21.31 32.26
C SER A 249 22.48 -22.08 33.56
N PRO A 250 21.61 -21.52 34.38
CA PRO A 250 21.22 -22.13 35.63
C PRO A 250 20.04 -23.10 35.43
N TYR A 251 19.54 -23.17 34.20
CA TYR A 251 18.39 -23.98 33.89
C TYR A 251 18.67 -25.45 33.76
N PRO A 252 17.65 -26.29 34.02
CA PRO A 252 17.77 -27.76 33.98
C PRO A 252 18.41 -28.41 32.76
N VAL A 253 19.22 -29.43 33.01
CA VAL A 253 19.84 -30.17 31.95
C VAL A 253 19.20 -31.57 31.89
N ILE A 254 18.84 -32.01 30.70
CA ILE A 254 18.25 -33.34 30.54
C ILE A 254 19.19 -34.28 29.83
N LEU A 255 19.41 -35.45 30.42
CA LEU A 255 20.30 -36.47 29.86
C LEU A 255 19.40 -37.51 29.24
N SER A 256 19.53 -37.67 27.93
CA SER A 256 18.70 -38.62 27.26
C SER A 256 19.56 -39.82 27.13
N LEU A 257 19.25 -40.81 27.94
CA LEU A 257 20.01 -42.07 27.95
C LEU A 257 19.49 -43.03 26.92
N GLU A 258 20.42 -43.61 26.18
CA GLU A 258 20.08 -44.61 25.21
C GLU A 258 20.85 -45.82 25.71
N ASN A 259 20.18 -46.61 26.54
CA ASN A 259 20.75 -47.77 27.23
C ASN A 259 20.88 -49.09 26.44
N HIS A 260 22.10 -49.56 26.32
CA HIS A 260 22.34 -50.79 25.65
C HIS A 260 23.20 -51.61 26.61
N CYS A 261 23.04 -51.33 27.91
CA CYS A 261 23.87 -51.97 28.92
C CYS A 261 23.31 -53.20 29.62
N SER A 262 24.18 -54.18 29.85
CA SER A 262 23.81 -55.36 30.59
C SER A 262 23.38 -54.86 31.97
N LEU A 263 22.54 -55.64 32.62
CA LEU A 263 22.01 -55.23 33.90
C LEU A 263 23.11 -54.88 34.88
N GLU A 264 24.23 -55.60 34.82
CA GLU A 264 25.26 -55.22 35.76
C GLU A 264 25.77 -53.80 35.50
N GLN A 265 26.18 -53.56 34.25
CA GLN A 265 26.68 -52.26 33.83
C GLN A 265 25.63 -51.17 34.04
N GLN A 266 24.35 -51.54 33.92
CA GLN A 266 23.30 -50.56 34.23
C GLN A 266 23.40 -50.16 35.73
N ARG A 267 23.75 -51.12 36.55
CA ARG A 267 23.86 -50.86 37.98
C ARG A 267 25.01 -49.92 38.18
N VAL A 268 26.11 -50.23 37.49
CA VAL A 268 27.29 -49.35 37.54
C VAL A 268 26.90 -47.90 37.17
N MET A 269 26.16 -47.72 36.07
CA MET A 269 25.74 -46.40 35.65
C MET A 269 25.04 -45.69 36.80
N ALA A 270 24.08 -46.38 37.38
CA ALA A 270 23.26 -45.80 38.40
C ALA A 270 24.12 -45.26 39.52
N ARG A 271 25.17 -46.00 39.82
CA ARG A 271 26.09 -45.60 40.87
C ARG A 271 26.82 -44.35 40.48
N HIS A 272 27.51 -44.44 39.33
CA HIS A 272 28.23 -43.30 38.75
C HIS A 272 27.32 -42.07 38.76
N LEU A 273 26.06 -42.26 38.38
CA LEU A 273 25.14 -41.15 38.34
C LEU A 273 25.06 -40.46 39.67
N ARG A 274 24.66 -41.20 40.69
CA ARG A 274 24.55 -40.62 42.04
C ARG A 274 25.93 -40.23 42.55
N ALA A 275 26.90 -41.11 42.36
CA ALA A 275 28.18 -40.74 42.87
C ALA A 275 28.78 -39.41 42.32
N ILE A 276 28.56 -39.19 41.04
CA ILE A 276 29.07 -38.04 40.37
C ILE A 276 28.11 -36.89 40.40
N LEU A 277 26.91 -37.09 39.93
CA LEU A 277 25.99 -35.99 39.88
C LEU A 277 25.57 -35.51 41.26
N GLY A 278 25.61 -36.44 42.21
CA GLY A 278 25.21 -36.24 43.60
C GLY A 278 23.91 -35.49 43.71
N PRO A 279 23.92 -34.32 44.35
CA PRO A 279 22.69 -33.56 44.63
C PRO A 279 22.15 -32.82 43.43
N ILE A 280 22.93 -32.71 42.35
CA ILE A 280 22.42 -32.02 41.16
C ILE A 280 21.37 -32.87 40.52
N LEU A 281 21.64 -34.17 40.59
CA LEU A 281 20.76 -35.20 40.02
C LEU A 281 19.37 -35.20 40.64
N LEU A 282 18.34 -35.15 39.80
CA LEU A 282 16.94 -35.16 40.29
C LEU A 282 16.47 -36.60 40.31
N ASP A 283 16.38 -37.18 41.50
CA ASP A 283 15.98 -38.55 41.59
C ASP A 283 14.68 -38.74 42.33
N GLN A 284 13.91 -37.66 42.49
CA GLN A 284 12.60 -37.72 43.19
C GLN A 284 11.66 -36.58 42.76
N PRO A 285 10.41 -36.89 42.41
CA PRO A 285 9.46 -35.89 41.94
C PRO A 285 9.41 -34.75 42.86
N LEU A 286 9.07 -33.61 42.29
CA LEU A 286 8.99 -32.36 43.04
C LEU A 286 7.73 -32.41 43.84
N ASP A 287 7.75 -31.82 45.03
CA ASP A 287 6.56 -31.77 45.87
C ASP A 287 5.55 -31.02 44.98
N GLY A 288 4.27 -31.39 45.07
CA GLY A 288 3.25 -30.77 44.23
C GLY A 288 3.64 -31.32 42.88
N VAL A 289 3.66 -30.47 41.85
CA VAL A 289 4.04 -30.89 40.48
C VAL A 289 3.25 -32.16 40.17
N THR A 290 1.93 -32.01 40.13
CA THR A 290 1.07 -33.14 39.98
C THR A 290 0.44 -33.35 38.61
N THR A 291 -0.01 -32.27 37.97
CA THR A 291 -0.69 -32.41 36.68
C THR A 291 0.12 -31.95 35.49
N SER A 292 1.26 -31.31 35.76
CA SER A 292 2.12 -30.79 34.71
C SER A 292 3.57 -30.91 35.07
N LEU A 293 4.40 -30.82 34.04
CA LEU A 293 5.82 -30.93 34.22
C LEU A 293 6.14 -29.72 35.03
N PRO A 294 7.22 -29.77 35.81
CA PRO A 294 7.60 -28.61 36.58
C PRO A 294 8.11 -27.55 35.53
N SER A 295 8.41 -26.35 36.00
CA SER A 295 8.90 -25.28 35.12
C SER A 295 10.43 -25.27 35.21
N PRO A 296 11.07 -24.57 34.27
CA PRO A 296 12.53 -24.46 34.25
C PRO A 296 12.92 -23.91 35.63
N GLU A 297 12.16 -22.99 36.16
CA GLU A 297 12.52 -22.49 37.47
C GLU A 297 12.60 -23.56 38.56
N GLN A 298 11.46 -24.22 38.79
CA GLN A 298 11.40 -25.25 39.83
C GLN A 298 12.51 -26.28 39.67
N LEU A 299 13.09 -26.36 38.47
CA LEU A 299 14.10 -27.37 38.17
C LEU A 299 15.47 -26.78 38.06
N LYS A 300 15.60 -25.52 38.45
CA LYS A 300 16.92 -24.86 38.39
C LYS A 300 18.06 -25.66 38.95
N GLY A 301 19.24 -25.57 38.35
CA GLY A 301 20.40 -26.27 38.89
C GLY A 301 20.25 -27.77 39.07
N LYS A 302 19.21 -28.36 38.48
CA LYS A 302 19.01 -29.80 38.54
C LYS A 302 19.34 -30.45 37.21
N ILE A 303 19.64 -31.73 37.22
CA ILE A 303 19.84 -32.50 36.00
C ILE A 303 18.82 -33.68 35.97
N LEU A 304 17.92 -33.71 35.00
CA LEU A 304 16.95 -34.82 34.93
C LEU A 304 17.43 -35.87 34.00
N LEU A 305 16.90 -37.08 34.20
CA LEU A 305 17.21 -38.21 33.38
C LEU A 305 16.06 -38.52 32.45
N LYS A 306 16.35 -38.97 31.29
CA LYS A 306 15.34 -39.35 30.34
C LYS A 306 15.75 -40.69 29.84
N GLY A 307 14.79 -41.59 29.76
CA GLY A 307 15.06 -42.92 29.24
C GLY A 307 13.81 -43.78 29.43
N LYS A 308 13.99 -45.09 29.24
CA LYS A 308 12.92 -46.05 29.39
C LYS A 308 12.78 -46.36 30.86
N LYS A 309 11.55 -46.46 31.33
CA LYS A 309 11.21 -46.74 32.73
C LYS A 309 10.41 -48.02 32.86
N LEU A 310 10.73 -48.82 33.88
CA LEU A 310 9.97 -50.07 34.11
C LEU A 310 8.46 -49.86 34.27
N LYS A 355 15.30 -56.42 31.65
CA LYS A 355 16.17 -55.65 30.77
C LYS A 355 16.59 -54.33 31.38
N LEU A 356 15.76 -53.86 32.29
CA LEU A 356 15.98 -52.60 32.92
C LEU A 356 16.01 -52.70 34.44
N VAL A 357 17.17 -52.43 35.03
CA VAL A 357 17.35 -52.46 36.48
C VAL A 357 16.64 -51.28 37.18
N PRO A 358 16.07 -51.54 38.33
CA PRO A 358 15.37 -50.46 39.04
C PRO A 358 16.23 -49.29 39.40
N GLU A 359 17.50 -49.55 39.75
CA GLU A 359 18.46 -48.48 40.15
C GLU A 359 18.37 -47.31 39.18
N LEU A 360 18.47 -47.63 37.88
CA LEU A 360 18.34 -46.66 36.80
C LEU A 360 16.92 -46.19 36.64
N SER A 361 16.07 -47.16 36.32
CA SER A 361 14.68 -46.87 36.07
C SER A 361 14.04 -45.98 37.09
N ASP A 362 14.40 -46.21 38.35
CA ASP A 362 13.86 -45.44 39.48
C ASP A 362 14.25 -43.98 39.35
N MET A 363 15.34 -43.75 38.58
CA MET A 363 15.85 -42.41 38.36
C MET A 363 15.11 -41.57 37.31
N ILE A 364 14.33 -42.23 36.46
CA ILE A 364 13.58 -41.53 35.45
C ILE A 364 12.31 -41.06 36.10
N ILE A 365 12.16 -39.75 36.23
CA ILE A 365 11.00 -39.16 36.89
C ILE A 365 10.04 -38.42 35.96
N TYR A 366 10.52 -37.42 35.21
CA TYR A 366 9.62 -36.66 34.32
C TYR A 366 9.75 -36.93 32.80
N CYS A 367 10.68 -37.81 32.41
CA CYS A 367 10.90 -38.10 31.02
C CYS A 367 10.94 -39.56 30.75
N LYS A 368 9.79 -40.20 30.80
CA LYS A 368 9.75 -41.63 30.48
C LYS A 368 9.68 -41.79 29.00
N SER A 369 10.73 -42.34 28.39
CA SER A 369 10.80 -42.58 26.95
C SER A 369 9.70 -43.64 26.56
N VAL A 370 8.87 -43.22 25.63
CA VAL A 370 7.72 -43.97 25.14
C VAL A 370 7.67 -43.98 23.61
N HIS A 371 6.95 -44.99 23.12
CA HIS A 371 6.73 -45.14 21.71
C HIS A 371 5.52 -44.27 21.45
N PHE A 372 5.57 -43.52 20.37
CA PHE A 372 4.46 -42.64 20.07
C PHE A 372 3.20 -43.42 19.94
N GLY A 373 2.20 -43.04 20.72
CA GLY A 373 0.90 -43.69 20.58
C GLY A 373 0.16 -43.05 19.39
N GLY A 374 -0.34 -41.84 19.63
CA GLY A 374 -1.04 -41.05 18.63
C GLY A 374 -1.41 -39.76 19.37
N PHE A 375 -2.13 -38.85 18.72
CA PHE A 375 -2.54 -37.62 19.41
C PHE A 375 -3.94 -37.79 20.03
N SER A 376 -4.00 -37.69 21.37
CA SER A 376 -5.20 -37.86 22.18
C SER A 376 -6.56 -37.43 21.65
N SER A 377 -6.60 -36.23 21.03
CA SER A 377 -7.83 -35.59 20.46
C SER A 377 -9.15 -36.42 20.41
N PRO A 378 -9.05 -37.59 19.76
CA PRO A 378 -10.16 -38.54 19.66
C PRO A 378 -10.43 -39.20 21.01
N GLY A 379 -10.03 -38.49 22.07
CA GLY A 379 -10.21 -38.96 23.44
C GLY A 379 -9.85 -37.83 24.41
N THR A 380 -9.39 -38.20 25.60
CA THR A 380 -9.00 -37.21 26.60
C THR A 380 -7.48 -37.13 26.71
N SER A 381 -6.86 -38.29 26.96
CA SER A 381 -5.43 -38.35 27.10
C SER A 381 -4.78 -39.21 26.02
N GLY A 382 -3.50 -39.47 26.22
CA GLY A 382 -2.69 -40.26 25.31
C GLY A 382 -1.39 -40.47 26.07
N GLN A 383 -0.60 -39.40 26.19
CA GLN A 383 0.65 -39.51 26.96
C GLN A 383 0.60 -38.63 28.22
N ALA A 384 1.17 -39.17 29.29
CA ALA A 384 1.21 -38.42 30.52
C ALA A 384 2.19 -37.27 30.24
N PHE A 385 1.98 -36.18 30.96
CA PHE A 385 2.85 -35.02 30.83
C PHE A 385 4.28 -35.47 31.03
N TYR A 386 4.45 -36.54 31.79
CA TYR A 386 5.78 -37.03 32.07
C TYR A 386 6.17 -38.10 31.13
N GLU A 387 5.50 -38.17 30.00
CA GLU A 387 5.90 -39.12 28.98
C GLU A 387 6.38 -38.33 27.76
N MET A 388 7.52 -38.74 27.20
CA MET A 388 8.08 -38.03 26.02
C MET A 388 8.48 -38.91 24.84
N ALA A 389 7.85 -38.71 23.69
CA ALA A 389 8.13 -39.57 22.60
C ALA A 389 9.15 -38.92 21.74
N SER A 390 9.86 -39.72 20.97
CA SER A 390 10.89 -39.21 20.05
C SER A 390 10.46 -39.53 18.64
N PHE A 391 10.81 -38.66 17.69
CA PHE A 391 10.45 -38.84 16.27
C PHE A 391 11.62 -38.53 15.35
N SER A 392 11.82 -39.36 14.36
CA SER A 392 12.90 -39.03 13.47
C SER A 392 12.43 -37.81 12.68
N GLU A 393 13.39 -37.22 11.97
CA GLU A 393 13.19 -36.05 11.14
C GLU A 393 12.11 -36.36 10.10
N SER A 394 12.15 -37.59 9.61
CA SER A 394 11.18 -38.08 8.61
C SER A 394 9.77 -38.26 9.17
N ARG A 395 9.68 -39.09 10.19
CA ARG A 395 8.40 -39.34 10.81
C ARG A 395 7.78 -38.04 11.26
N ALA A 396 8.64 -37.16 11.75
CA ALA A 396 8.13 -35.91 12.25
C ALA A 396 7.47 -35.16 11.15
N LEU A 397 8.15 -35.10 10.02
CA LEU A 397 7.57 -34.39 8.90
C LEU A 397 6.19 -34.95 8.49
N ARG A 398 6.07 -36.26 8.55
CA ARG A 398 4.86 -36.93 8.19
C ARG A 398 3.77 -36.43 9.08
N LEU A 399 3.94 -36.62 10.36
CA LEU A 399 2.91 -36.20 11.30
C LEU A 399 2.55 -34.74 11.15
N LEU A 400 3.52 -33.94 10.75
CA LEU A 400 3.29 -32.50 10.63
C LEU A 400 2.50 -32.24 9.38
N GLN A 401 2.81 -33.02 8.37
CA GLN A 401 2.17 -32.90 7.08
C GLN A 401 0.69 -33.27 7.22
N GLU A 402 0.43 -34.39 7.89
CA GLU A 402 -0.91 -34.90 8.11
C GLU A 402 -1.66 -34.42 9.33
N SER A 403 -0.96 -34.28 10.45
CA SER A 403 -1.62 -33.89 11.69
C SER A 403 -1.00 -32.75 12.40
N GLY A 404 -0.73 -31.69 11.64
CA GLY A 404 -0.12 -30.46 12.16
C GLY A 404 -0.73 -30.06 13.48
N ASN A 405 -2.02 -29.69 13.46
CA ASN A 405 -2.68 -29.31 14.68
C ASN A 405 -2.61 -30.42 15.69
N GLY A 406 -2.55 -31.63 15.17
CA GLY A 406 -2.50 -32.81 16.02
C GLY A 406 -1.33 -32.68 16.97
N PHE A 407 -0.16 -32.57 16.35
CA PHE A 407 1.10 -32.38 17.04
C PHE A 407 0.93 -31.21 17.97
N VAL A 408 0.94 -29.96 17.43
CA VAL A 408 0.80 -28.70 18.17
C VAL A 408 0.05 -28.77 19.48
N ARG A 409 -1.17 -29.26 19.36
CA ARG A 409 -2.00 -29.45 20.55
C ARG A 409 -1.35 -30.46 21.50
N HIS A 410 -0.78 -31.51 20.90
CA HIS A 410 -0.08 -32.53 21.70
C HIS A 410 1.09 -31.88 22.43
N ASN A 411 1.95 -31.18 21.67
CA ASN A 411 3.13 -30.55 22.23
C ASN A 411 2.86 -29.50 23.31
N VAL A 412 1.58 -29.16 23.52
CA VAL A 412 1.27 -28.15 24.50
C VAL A 412 1.57 -28.59 25.91
N SER A 413 1.24 -29.83 26.19
CA SER A 413 1.40 -30.35 27.52
C SER A 413 2.39 -31.49 27.53
N CYS A 414 2.92 -31.87 26.37
CA CYS A 414 3.91 -32.91 26.35
C CYS A 414 5.18 -32.48 25.62
N LEU A 415 6.30 -33.15 25.94
CA LEU A 415 7.56 -32.82 25.30
C LEU A 415 7.78 -33.79 24.20
N SER A 416 8.13 -33.29 23.02
CA SER A 416 8.49 -34.15 21.92
C SER A 416 9.96 -33.92 21.56
N ARG A 417 10.65 -35.02 21.22
CA ARG A 417 12.02 -35.00 20.80
C ARG A 417 12.09 -35.37 19.36
N ILE A 418 12.93 -34.70 18.61
CA ILE A 418 13.09 -35.02 17.24
C ILE A 418 14.57 -35.10 16.94
N TYR A 419 14.99 -36.08 16.14
CA TYR A 419 16.42 -36.24 15.83
C TYR A 419 16.58 -36.48 14.38
N PRO A 420 17.81 -36.34 13.92
CA PRO A 420 18.10 -36.41 12.48
C PRO A 420 17.90 -37.77 11.84
N ALA A 421 17.50 -37.73 10.58
CA ALA A 421 17.31 -38.94 9.79
C ALA A 421 18.62 -39.75 9.74
N GLY A 422 18.48 -41.07 9.75
CA GLY A 422 19.57 -41.99 9.74
C GLY A 422 20.47 -41.80 8.59
N TRP A 423 20.01 -41.27 7.49
CA TRP A 423 20.97 -41.20 6.40
C TRP A 423 21.99 -40.12 6.60
N ARG A 424 21.81 -39.35 7.66
CA ARG A 424 22.72 -38.22 7.96
C ARG A 424 24.08 -38.60 8.60
N THR A 425 24.69 -39.65 8.09
CA THR A 425 25.93 -40.16 8.61
C THR A 425 27.02 -39.13 8.62
N ASP A 426 26.84 -38.08 7.85
CA ASP A 426 27.83 -37.01 7.81
C ASP A 426 27.54 -36.03 8.96
N SER A 427 26.53 -36.36 9.74
CA SER A 427 26.18 -35.55 10.90
C SER A 427 25.62 -34.22 10.50
N SER A 428 25.17 -34.11 9.25
CA SER A 428 24.53 -32.94 8.71
C SER A 428 23.28 -32.77 9.53
N ASN A 429 22.64 -31.61 9.44
CA ASN A 429 21.44 -31.29 10.23
C ASN A 429 20.26 -30.89 9.35
N TYR A 430 19.07 -30.96 9.92
CA TYR A 430 17.89 -30.55 9.21
C TYR A 430 17.52 -29.16 9.72
N SER A 431 16.47 -28.56 9.17
CA SER A 431 16.05 -27.25 9.61
C SER A 431 15.19 -27.43 10.85
N PRO A 432 15.52 -26.72 11.93
CA PRO A 432 14.81 -26.84 13.20
C PRO A 432 13.49 -26.18 13.11
N VAL A 433 13.42 -25.13 12.29
CA VAL A 433 12.19 -24.32 12.17
C VAL A 433 10.94 -25.15 11.96
N GLU A 434 10.99 -26.03 10.96
CA GLU A 434 9.89 -26.92 10.65
C GLU A 434 9.39 -27.57 11.87
N MET A 435 10.27 -28.00 12.76
CA MET A 435 9.82 -28.69 13.94
C MET A 435 9.26 -27.74 14.96
N TRP A 436 9.92 -26.61 15.10
CA TRP A 436 9.46 -25.64 16.09
C TRP A 436 8.06 -25.20 15.69
N ASN A 437 7.85 -25.06 14.37
CA ASN A 437 6.52 -24.65 13.88
C ASN A 437 5.43 -25.60 14.33
N GLY A 438 5.79 -26.84 14.70
CA GLY A 438 4.81 -27.79 15.16
C GLY A 438 4.77 -27.81 16.66
N GLY A 439 5.50 -26.90 17.27
CA GLY A 439 5.54 -26.86 18.73
C GLY A 439 6.53 -27.85 19.34
N CYS A 440 7.26 -28.60 18.52
CA CYS A 440 8.24 -29.55 19.04
C CYS A 440 9.30 -28.83 19.86
N GLN A 441 9.57 -29.31 21.07
CA GLN A 441 10.49 -28.61 21.90
C GLN A 441 11.91 -29.13 22.02
N ILE A 442 12.09 -30.42 21.87
CA ILE A 442 13.43 -30.93 21.97
C ILE A 442 13.97 -31.34 20.62
N VAL A 443 14.24 -30.35 19.81
CA VAL A 443 14.68 -30.56 18.45
C VAL A 443 16.18 -30.74 18.44
N ALA A 444 16.64 -31.98 18.40
CA ALA A 444 18.04 -32.29 18.46
C ALA A 444 18.79 -32.13 17.19
N LEU A 445 19.92 -31.40 17.22
CA LEU A 445 20.79 -31.27 16.04
C LEU A 445 22.21 -31.68 16.38
N ASN A 446 23.00 -31.95 15.36
CA ASN A 446 24.36 -32.30 15.53
C ASN A 446 25.07 -31.03 15.74
N PHE A 447 25.20 -30.66 17.01
CA PHE A 447 25.84 -29.41 17.48
C PHE A 447 27.26 -29.20 17.08
N GLN A 448 27.79 -30.10 16.29
CA GLN A 448 29.19 -30.10 16.00
C GLN A 448 29.34 -29.43 14.78
N THR A 449 28.22 -29.50 13.93
CA THR A 449 27.44 -28.79 12.62
C THR A 449 27.81 -27.72 12.09
N PRO A 450 28.90 -27.15 11.51
CA PRO A 450 28.63 -25.83 11.05
C PRO A 450 27.65 -25.88 9.94
N GLY A 451 26.79 -24.86 9.85
CA GLY A 451 25.86 -24.77 8.77
C GLY A 451 24.71 -23.91 9.22
N PRO A 452 23.94 -23.46 8.26
CA PRO A 452 22.78 -22.63 8.51
C PRO A 452 21.88 -23.22 9.53
N GLU A 453 21.89 -24.53 9.67
CA GLU A 453 20.92 -25.11 10.60
C GLU A 453 21.29 -24.77 12.02
N MET A 454 22.57 -24.88 12.32
CA MET A 454 23.03 -24.59 13.67
C MET A 454 23.02 -23.09 13.83
N ASP A 455 23.32 -22.39 12.75
CA ASP A 455 23.34 -20.94 12.75
C ASP A 455 21.95 -20.52 13.25
N VAL A 456 20.93 -21.05 12.65
CA VAL A 456 19.61 -20.67 13.02
C VAL A 456 19.28 -21.11 14.40
N TYR A 457 19.73 -22.29 14.72
CA TYR A 457 19.44 -22.89 16.02
C TYR A 457 20.01 -22.06 17.15
N LEU A 458 21.27 -21.66 16.99
CA LEU A 458 21.92 -20.86 18.03
C LEU A 458 21.46 -19.39 18.05
N GLY A 459 20.83 -18.94 16.98
CA GLY A 459 20.39 -17.56 16.95
C GLY A 459 19.11 -17.58 17.74
N CYS A 460 18.31 -18.60 17.55
CA CYS A 460 17.08 -18.71 18.30
C CYS A 460 17.37 -18.71 19.79
N PHE A 461 18.26 -19.57 20.18
CA PHE A 461 18.63 -19.73 21.59
C PHE A 461 19.55 -18.62 22.16
N GLN A 462 19.93 -17.68 21.30
CA GLN A 462 20.72 -16.54 21.76
C GLN A 462 19.75 -15.75 22.59
N ASP A 463 18.48 -15.79 22.20
CA ASP A 463 17.40 -15.08 22.86
C ASP A 463 17.29 -15.56 24.34
N ASN A 464 16.54 -14.79 25.13
CA ASN A 464 16.33 -15.11 26.52
C ASN A 464 17.63 -15.31 27.28
N GLY A 465 18.61 -14.49 27.01
CA GLY A 465 19.83 -14.62 27.75
C GLY A 465 20.53 -15.91 27.48
N GLY A 466 20.13 -16.63 26.45
CA GLY A 466 20.81 -17.88 26.10
C GLY A 466 20.74 -18.93 27.21
N CYS A 467 19.69 -18.88 28.00
CA CYS A 467 19.58 -19.80 29.10
C CYS A 467 19.23 -21.20 28.61
N GLY A 468 18.89 -21.34 27.34
CA GLY A 468 18.59 -22.64 26.78
C GLY A 468 17.11 -22.98 26.72
N TYR A 469 16.27 -22.12 27.30
CA TYR A 469 14.82 -22.37 27.29
C TYR A 469 14.18 -21.09 26.79
N VAL A 470 13.44 -21.19 25.70
CA VAL A 470 12.77 -20.07 25.09
C VAL A 470 11.32 -20.38 25.03
N LEU A 471 10.53 -19.49 25.61
CA LEU A 471 9.11 -19.67 25.69
C LEU A 471 8.40 -19.65 24.34
N LYS A 472 7.56 -20.67 24.11
CA LYS A 472 6.87 -20.78 22.83
C LYS A 472 5.84 -19.68 22.76
N PRO A 473 5.36 -19.33 21.57
CA PRO A 473 4.35 -18.30 21.44
C PRO A 473 3.08 -18.83 22.11
N ALA A 474 2.21 -17.90 22.54
CA ALA A 474 0.94 -18.23 23.21
C ALA A 474 0.08 -19.17 22.42
N PHE A 475 -0.10 -18.91 21.14
CA PHE A 475 -0.92 -19.87 20.40
C PHE A 475 -0.39 -21.27 20.41
N LEU A 476 0.89 -21.46 20.73
CA LEU A 476 1.43 -22.82 20.80
C LEU A 476 1.42 -23.32 22.23
N ARG A 477 0.80 -22.54 23.10
CA ARG A 477 0.70 -22.93 24.51
C ARG A 477 -0.82 -23.04 24.89
N ASP A 478 -1.67 -22.95 23.87
CA ASP A 478 -3.10 -23.00 24.00
C ASP A 478 -3.56 -24.40 23.59
N PRO A 479 -4.01 -25.17 24.57
CA PRO A 479 -4.41 -26.56 24.32
C PRO A 479 -5.51 -26.65 23.27
N ASN A 480 -6.26 -25.58 23.13
CA ASN A 480 -7.34 -25.64 22.15
C ASN A 480 -7.07 -24.99 20.82
N THR A 481 -5.81 -24.63 20.59
CA THR A 481 -5.44 -23.97 19.36
C THR A 481 -5.89 -24.69 18.11
N THR A 482 -6.16 -23.92 17.06
CA THR A 482 -6.55 -24.45 15.76
C THR A 482 -5.47 -24.09 14.77
N PHE A 483 -4.26 -23.91 15.30
CA PHE A 483 -3.09 -23.53 14.52
C PHE A 483 -2.51 -24.73 13.75
N ASN A 484 -1.91 -24.41 12.62
CA ASN A 484 -1.27 -25.41 11.80
C ASN A 484 -0.52 -24.64 10.76
N SER A 485 0.76 -24.41 11.02
CA SER A 485 1.60 -23.65 10.13
C SER A 485 1.50 -24.05 8.68
N ARG A 486 0.94 -25.23 8.43
CA ARG A 486 0.81 -25.76 7.06
C ARG A 486 -0.54 -25.37 6.43
N ALA A 487 -1.52 -25.15 7.30
CA ALA A 487 -2.84 -24.72 6.89
C ALA A 487 -3.18 -23.48 7.69
N LEU A 488 -2.70 -22.34 7.22
CA LEU A 488 -2.94 -21.11 7.97
C LEU A 488 -4.33 -20.54 7.79
N THR A 489 -4.94 -20.20 8.92
CA THR A 489 -6.25 -19.60 8.94
C THR A 489 -6.13 -18.41 9.86
N GLN A 490 -7.10 -17.51 9.86
CA GLN A 490 -7.01 -16.36 10.75
C GLN A 490 -6.91 -16.85 12.20
N GLY A 491 -6.16 -16.09 13.01
CA GLY A 491 -5.95 -16.46 14.39
C GLY A 491 -4.90 -15.50 14.89
N PRO A 492 -4.69 -15.54 16.21
CA PRO A 492 -3.70 -14.65 16.86
C PRO A 492 -2.34 -14.72 16.20
N TRP A 493 -1.96 -15.88 15.71
CA TRP A 493 -0.68 -16.05 15.09
C TRP A 493 -0.57 -15.27 13.81
N TRP A 494 -1.70 -14.85 13.29
CA TRP A 494 -1.72 -14.16 12.02
C TRP A 494 -1.55 -12.68 12.21
N ARG A 495 -0.39 -12.15 11.89
CA ARG A 495 -0.14 -10.77 12.13
C ARG A 495 0.84 -10.25 11.12
N PRO A 496 0.40 -10.10 9.90
CA PRO A 496 1.30 -9.67 8.82
C PRO A 496 2.06 -8.39 9.13
N GLU A 497 3.35 -8.40 8.76
CA GLU A 497 4.28 -7.27 8.94
C GLU A 497 5.11 -7.04 7.69
N ARG A 498 5.55 -5.81 7.55
CA ARG A 498 6.37 -5.46 6.43
C ARG A 498 7.78 -5.16 6.94
N LEU A 499 8.75 -5.96 6.46
CA LEU A 499 10.11 -5.79 6.87
C LEU A 499 10.95 -5.24 5.77
N ARG A 500 11.67 -4.15 6.02
CA ARG A 500 12.58 -3.62 5.02
C ARG A 500 13.90 -3.56 5.66
N VAL A 501 14.87 -4.17 4.98
CA VAL A 501 16.24 -4.23 5.44
C VAL A 501 17.06 -3.62 4.39
N ARG A 502 17.88 -2.65 4.76
CA ARG A 502 18.77 -2.03 3.81
C ARG A 502 20.18 -2.48 4.18
N ILE A 503 20.84 -3.14 3.25
CA ILE A 503 22.22 -3.58 3.46
C ILE A 503 23.03 -2.38 2.94
N ILE A 504 23.56 -1.60 3.85
CA ILE A 504 24.26 -0.40 3.48
C ILE A 504 25.66 -0.69 3.12
N SER A 505 26.41 -1.22 4.09
CA SER A 505 27.79 -1.53 3.88
C SER A 505 28.26 -2.58 4.85
N GLY A 506 29.48 -3.07 4.67
CA GLY A 506 30.07 -4.02 5.56
C GLY A 506 31.43 -3.51 6.00
N GLN A 507 31.84 -3.86 7.22
CA GLN A 507 33.11 -3.39 7.76
C GLN A 507 34.04 -4.51 8.15
N GLN A 508 35.26 -4.45 7.64
CA GLN A 508 36.29 -5.42 8.00
C GLN A 508 35.87 -6.84 7.94
N LEU A 509 35.32 -7.23 6.82
CA LEU A 509 34.92 -8.62 6.62
C LEU A 509 36.20 -9.48 6.78
N PRO A 510 36.06 -10.58 7.52
CA PRO A 510 37.20 -11.44 7.71
C PRO A 510 37.68 -12.10 6.41
N LYS A 511 38.99 -12.17 6.20
CA LYS A 511 39.46 -12.82 4.99
C LYS A 511 39.18 -14.29 5.19
N VAL A 512 38.06 -14.77 4.66
CA VAL A 512 37.78 -16.16 4.85
C VAL A 512 38.71 -17.08 4.13
N ASN A 513 39.36 -17.87 4.98
CA ASN A 513 40.36 -18.85 4.67
C ASN A 513 40.75 -19.04 3.23
N LYS A 514 41.58 -18.09 2.79
CA LYS A 514 42.15 -18.21 1.48
C LYS A 514 43.63 -18.45 1.69
N ASN A 515 44.09 -19.52 1.04
CA ASN A 515 45.46 -19.96 1.10
C ASN A 515 46.33 -18.95 0.32
N LYS A 516 45.98 -17.67 0.36
CA LYS A 516 46.75 -16.69 -0.42
C LYS A 516 46.50 -15.25 -0.01
N ASN A 517 46.98 -14.35 -0.84
CA ASN A 517 46.73 -12.95 -0.59
C ASN A 517 45.79 -12.32 -1.64
N SER A 518 44.53 -12.78 -1.63
CA SER A 518 43.48 -12.25 -2.52
C SER A 518 42.44 -11.48 -1.67
N ILE A 519 41.65 -10.62 -2.31
CA ILE A 519 40.67 -9.86 -1.58
C ILE A 519 39.30 -10.44 -1.78
N VAL A 520 38.51 -10.42 -0.73
CA VAL A 520 37.17 -10.94 -0.77
C VAL A 520 36.35 -10.21 -1.81
N ASP A 521 35.28 -10.84 -2.26
CA ASP A 521 34.41 -10.22 -3.25
C ASP A 521 33.06 -10.49 -2.65
N PRO A 522 32.80 -9.79 -1.56
CA PRO A 522 31.60 -9.97 -0.77
C PRO A 522 30.32 -9.64 -1.42
N LYS A 523 29.31 -10.36 -0.96
CA LYS A 523 27.92 -10.23 -1.32
C LYS A 523 27.11 -10.68 -0.07
N VAL A 524 25.88 -10.18 0.07
CA VAL A 524 25.14 -10.51 1.26
C VAL A 524 23.83 -11.14 0.95
N ILE A 525 23.42 -12.09 1.81
CA ILE A 525 22.19 -12.81 1.60
C ILE A 525 21.37 -12.61 2.83
N VAL A 526 20.10 -12.28 2.61
CA VAL A 526 19.21 -12.06 3.70
C VAL A 526 18.11 -13.04 3.52
N GLU A 527 17.85 -13.80 4.57
CA GLU A 527 16.85 -14.83 4.51
C GLU A 527 15.86 -14.70 5.63
N ILE A 528 14.68 -15.23 5.36
CA ILE A 528 13.66 -15.22 6.32
C ILE A 528 13.31 -16.68 6.53
N HIS A 529 13.32 -17.12 7.76
CA HIS A 529 12.98 -18.47 8.11
C HIS A 529 11.75 -18.31 9.00
N GLY A 530 10.77 -19.21 8.83
CA GLY A 530 9.56 -19.18 9.61
C GLY A 530 8.62 -20.24 9.02
N VAL A 531 7.32 -19.94 9.01
CA VAL A 531 6.36 -20.85 8.40
C VAL A 531 6.72 -20.83 6.94
N GLY A 532 6.37 -21.92 6.28
CA GLY A 532 6.72 -22.11 4.87
C GLY A 532 6.35 -20.91 4.00
N ARG A 533 5.18 -20.38 4.28
CA ARG A 533 4.66 -19.23 3.56
C ARG A 533 5.59 -18.00 3.70
N ASP A 534 6.19 -17.79 4.88
CA ASP A 534 7.04 -16.62 5.11
C ASP A 534 8.47 -16.75 4.61
N THR A 535 8.92 -17.98 4.49
CA THR A 535 10.26 -18.30 4.03
C THR A 535 10.63 -17.54 2.78
N GLY A 536 11.77 -16.86 2.77
CA GLY A 536 12.18 -16.08 1.61
C GLY A 536 13.72 -15.87 1.70
N SER A 537 14.31 -15.42 0.61
CA SER A 537 15.74 -15.16 0.55
C SER A 537 16.01 -14.13 -0.61
N ARG A 538 16.98 -13.23 -0.42
CA ARG A 538 17.31 -12.24 -1.43
C ARG A 538 18.78 -12.04 -1.24
N GLN A 539 19.45 -11.52 -2.27
CA GLN A 539 20.88 -11.27 -2.20
C GLN A 539 21.37 -9.96 -2.86
N THR A 540 22.43 -9.37 -2.30
CA THR A 540 22.95 -8.18 -2.89
C THR A 540 23.78 -8.59 -4.05
N ALA A 541 24.50 -7.63 -4.64
CA ALA A 541 25.39 -7.93 -5.74
C ALA A 541 26.72 -8.11 -5.07
N VAL A 542 27.71 -8.49 -5.86
CA VAL A 542 29.06 -8.72 -5.36
C VAL A 542 29.86 -7.46 -5.47
N ILE A 543 30.76 -7.27 -4.52
CA ILE A 543 31.61 -6.11 -4.57
C ILE A 543 32.95 -6.76 -4.77
N THR A 544 33.58 -6.44 -5.88
CA THR A 544 34.86 -7.02 -6.17
C THR A 544 36.03 -6.52 -5.35
N ASN A 545 36.80 -7.43 -4.79
CA ASN A 545 37.99 -7.04 -4.02
C ASN A 545 37.80 -5.99 -2.97
N ASN A 546 36.89 -6.21 -2.02
CA ASN A 546 36.69 -5.28 -0.93
C ASN A 546 36.08 -5.92 0.27
N GLY A 547 36.83 -6.07 1.35
CA GLY A 547 36.25 -6.67 2.54
C GLY A 547 36.32 -5.71 3.68
N PHE A 548 37.08 -4.63 3.49
CA PHE A 548 37.30 -3.65 4.55
C PHE A 548 36.14 -2.72 4.73
N ASN A 549 35.54 -2.36 3.61
CA ASN A 549 34.43 -1.46 3.64
C ASN A 549 33.59 -1.52 2.39
N PRO A 550 33.16 -2.70 2.06
CA PRO A 550 32.29 -2.88 0.92
C PRO A 550 31.06 -2.01 1.16
N ARG A 551 30.48 -1.45 0.10
CA ARG A 551 29.24 -0.66 0.23
C ARG A 551 28.24 -1.14 -0.79
N TRP A 552 27.08 -1.65 -0.31
CA TRP A 552 26.05 -2.17 -1.19
C TRP A 552 24.91 -1.21 -1.34
N ASP A 553 24.45 -0.66 -0.22
CA ASP A 553 23.29 0.24 -0.23
C ASP A 553 22.11 -0.34 -0.94
N MET A 554 21.83 -1.61 -0.67
CA MET A 554 20.70 -2.28 -1.32
C MET A 554 19.64 -2.61 -0.34
N GLU A 555 18.39 -2.60 -0.77
CA GLU A 555 17.35 -2.83 0.22
C GLU A 555 16.42 -3.89 -0.21
N PHE A 556 15.81 -4.60 0.71
CA PHE A 556 14.92 -5.70 0.39
C PHE A 556 13.70 -5.58 1.25
N GLU A 557 12.66 -6.24 0.85
CA GLU A 557 11.45 -6.16 1.64
C GLU A 557 10.88 -7.53 1.71
N PHE A 558 10.30 -7.84 2.85
CA PHE A 558 9.70 -9.12 3.06
C PHE A 558 8.35 -8.94 3.71
N GLU A 559 7.43 -9.82 3.39
CA GLU A 559 6.16 -9.76 4.07
C GLU A 559 6.08 -10.99 4.91
N VAL A 560 5.94 -10.81 6.22
CA VAL A 560 5.93 -11.91 7.17
C VAL A 560 4.62 -11.95 7.86
N THR A 561 3.90 -13.02 7.62
CA THR A 561 2.59 -13.18 8.20
C THR A 561 2.54 -13.75 9.63
N VAL A 562 3.50 -14.65 9.98
CA VAL A 562 3.54 -15.26 11.34
C VAL A 562 4.84 -14.96 12.02
N PRO A 563 5.12 -13.68 12.21
CA PRO A 563 6.36 -13.25 12.81
C PRO A 563 6.75 -13.97 14.06
N ASP A 564 5.79 -14.35 14.89
CA ASP A 564 6.19 -14.99 16.12
C ASP A 564 6.96 -16.25 15.90
N LEU A 565 7.05 -16.69 14.66
CA LEU A 565 7.84 -17.90 14.38
C LEU A 565 9.02 -17.62 13.44
N ALA A 566 9.20 -16.37 13.05
CA ALA A 566 10.28 -16.02 12.13
C ALA A 566 11.65 -15.70 12.72
N LEU A 567 12.66 -15.73 11.86
CA LEU A 567 14.05 -15.44 12.20
C LEU A 567 14.60 -14.84 10.94
N VAL A 568 15.50 -13.88 11.09
CA VAL A 568 16.06 -13.21 9.96
C VAL A 568 17.53 -13.51 9.94
N ARG A 569 18.02 -13.94 8.79
CA ARG A 569 19.39 -14.34 8.69
C ARG A 569 20.21 -13.59 7.69
N PHE A 570 21.37 -13.15 8.15
CA PHE A 570 22.26 -12.39 7.33
C PHE A 570 23.47 -13.26 7.06
N MET A 571 23.78 -13.46 5.81
CA MET A 571 24.92 -14.24 5.49
C MET A 571 25.79 -13.57 4.47
N VAL A 572 27.08 -13.57 4.72
CA VAL A 572 28.01 -12.94 3.82
C VAL A 572 28.92 -13.97 3.16
N GLU A 573 28.88 -14.01 1.83
CA GLU A 573 29.69 -14.95 1.06
C GLU A 573 30.76 -14.28 0.24
N ASP A 574 31.87 -14.99 0.01
CA ASP A 574 32.96 -14.52 -0.82
C ASP A 574 32.67 -15.14 -2.17
N TYR A 575 32.17 -14.32 -3.09
CA TYR A 575 31.82 -14.80 -4.39
C TYR A 575 32.97 -15.38 -5.17
N ASP A 576 32.68 -16.47 -5.87
CA ASP A 576 33.65 -17.16 -6.72
C ASP A 576 32.96 -17.61 -8.02
N SER A 577 33.49 -17.06 -9.10
CA SER A 577 32.98 -17.31 -10.45
C SER A 577 33.04 -18.80 -10.73
N SER A 578 34.24 -19.33 -10.54
CA SER A 578 34.60 -20.75 -10.72
C SER A 578 33.77 -21.59 -9.80
N SER A 579 34.37 -21.77 -8.62
CA SER A 579 33.86 -22.56 -7.52
C SER A 579 32.77 -21.91 -6.69
N LYS A 580 32.43 -22.63 -5.64
CA LYS A 580 31.41 -22.22 -4.69
C LYS A 580 31.99 -21.12 -3.84
N ASN A 581 31.15 -20.12 -3.60
CA ASN A 581 31.53 -18.99 -2.79
C ASN A 581 31.86 -19.41 -1.36
N ASP A 582 32.87 -18.76 -0.78
CA ASP A 582 33.27 -19.00 0.61
C ASP A 582 32.34 -18.24 1.57
N PHE A 583 31.95 -18.91 2.64
CA PHE A 583 31.12 -18.31 3.66
C PHE A 583 32.06 -17.45 4.39
N ILE A 584 31.67 -16.22 4.68
CA ILE A 584 32.51 -15.31 5.39
C ILE A 584 32.00 -15.11 6.81
N GLY A 585 30.70 -14.98 6.97
CA GLY A 585 30.14 -14.73 8.28
C GLY A 585 28.66 -14.71 8.18
N GLN A 586 28.02 -14.68 9.32
CA GLN A 586 26.57 -14.79 9.36
C GLN A 586 26.02 -14.30 10.73
N SER A 587 24.70 -14.08 10.80
CA SER A 587 24.02 -13.72 12.03
C SER A 587 22.53 -13.96 11.88
N THR A 588 21.97 -14.64 12.85
CA THR A 588 20.56 -14.96 12.84
C THR A 588 19.86 -14.36 14.07
N ILE A 589 18.90 -13.48 13.80
CA ILE A 589 18.16 -12.81 14.86
C ILE A 589 16.68 -13.23 14.82
N PRO A 590 16.19 -13.70 15.95
CA PRO A 590 14.80 -14.05 16.09
C PRO A 590 14.02 -12.75 15.75
N TRP A 591 12.87 -12.91 15.13
CA TRP A 591 12.07 -11.75 14.71
C TRP A 591 11.84 -10.73 15.81
N ASN A 592 11.37 -11.18 16.97
CA ASN A 592 11.11 -10.26 18.09
C ASN A 592 12.33 -9.66 18.79
N SER A 593 13.54 -10.00 18.34
CA SER A 593 14.72 -9.44 18.97
C SER A 593 15.39 -8.53 17.95
N LEU A 594 14.72 -8.41 16.83
CA LEU A 594 15.24 -7.61 15.76
C LEU A 594 15.01 -6.16 16.05
N LYS A 595 16.07 -5.40 16.32
CA LYS A 595 15.98 -3.96 16.59
C LYS A 595 15.85 -3.17 15.29
N GLN A 596 15.15 -2.04 15.35
CA GLN A 596 14.84 -1.26 14.19
C GLN A 596 15.79 -0.04 13.99
N GLY A 597 15.92 0.47 12.77
CA GLY A 597 16.79 1.61 12.56
C GLY A 597 18.16 1.27 12.07
N TYR A 598 19.11 2.11 12.45
CA TYR A 598 20.47 1.92 12.04
C TYR A 598 21.10 1.02 13.08
N ARG A 599 21.64 -0.09 12.61
CA ARG A 599 22.27 -1.05 13.49
C ARG A 599 23.39 -1.75 12.77
N HIS A 600 24.26 -2.38 13.54
CA HIS A 600 25.35 -3.20 13.00
C HIS A 600 25.03 -4.62 13.28
N VAL A 601 25.33 -5.50 12.32
CA VAL A 601 25.08 -6.92 12.51
C VAL A 601 26.43 -7.49 12.76
N HIS A 602 26.58 -8.11 13.90
CA HIS A 602 27.87 -8.67 14.27
C HIS A 602 27.99 -10.09 13.83
N LEU A 603 28.88 -10.27 12.85
CA LEU A 603 29.12 -11.55 12.19
C LEU A 603 29.86 -12.58 12.98
N LEU A 604 29.39 -13.82 12.91
CA LEU A 604 29.97 -14.97 13.56
C LEU A 604 30.61 -15.88 12.53
N SER A 605 31.58 -16.66 12.96
CA SER A 605 32.26 -17.64 12.10
C SER A 605 31.34 -18.87 11.93
N LYS A 606 31.76 -19.80 11.07
CA LYS A 606 30.97 -21.01 10.84
C LYS A 606 30.81 -21.77 12.15
N ASN A 607 31.76 -21.58 13.06
CA ASN A 607 31.76 -22.23 14.36
C ASN A 607 31.00 -21.49 15.39
N GLY A 608 30.31 -20.43 14.98
CA GLY A 608 29.53 -19.67 15.93
C GLY A 608 30.38 -18.73 16.77
N ASP A 609 31.64 -18.58 16.39
CA ASP A 609 32.55 -17.70 17.09
C ASP A 609 32.32 -16.29 16.69
N GLN A 610 32.49 -15.41 17.64
CA GLN A 610 32.30 -14.00 17.41
C GLN A 610 33.45 -13.33 16.77
N HIS A 611 33.25 -12.82 15.57
CA HIS A 611 34.31 -12.09 14.89
C HIS A 611 34.39 -10.69 15.46
N PRO A 612 35.53 -10.34 16.05
CA PRO A 612 35.72 -9.07 16.70
C PRO A 612 35.21 -7.81 15.97
N SER A 613 35.79 -7.45 14.81
CA SER A 613 35.37 -6.24 14.12
C SER A 613 34.60 -6.44 12.85
N ALA A 614 34.13 -7.64 12.64
CA ALA A 614 33.38 -7.95 11.46
C ALA A 614 31.89 -7.62 11.64
N THR A 615 31.41 -6.65 10.87
CA THR A 615 30.03 -6.23 10.96
C THR A 615 29.40 -5.88 9.64
N LEU A 616 28.11 -5.64 9.73
CA LEU A 616 27.34 -5.19 8.61
C LEU A 616 26.59 -4.07 9.23
N PHE A 617 26.46 -2.99 8.47
CA PHE A 617 25.72 -1.85 8.91
C PHE A 617 24.42 -1.91 8.10
N VAL A 618 23.30 -1.95 8.80
CA VAL A 618 22.01 -2.02 8.11
C VAL A 618 20.98 -1.01 8.68
N LYS A 619 19.82 -0.91 8.02
CA LYS A 619 18.75 -0.07 8.49
C LYS A 619 17.55 -0.90 8.41
N ILE A 620 16.91 -1.08 9.54
CA ILE A 620 15.77 -1.95 9.63
C ILE A 620 14.52 -1.25 10.06
N SER A 621 13.44 -1.62 9.43
CA SER A 621 12.16 -1.06 9.74
C SER A 621 11.15 -2.16 9.60
N ILE A 622 10.22 -2.18 10.55
CA ILE A 622 9.17 -3.18 10.60
C ILE A 622 7.89 -2.37 10.80
N GLN A 623 6.93 -2.58 9.91
CA GLN A 623 5.70 -1.85 10.02
C GLN A 623 4.51 -2.73 9.81
N ASP A 624 3.49 -2.57 10.66
CA ASP A 624 2.26 -3.35 10.51
C ASP A 624 1.43 -2.64 9.47
N ASN B 26 -14.00 61.86 -42.68
CA ASN B 26 -14.52 61.18 -41.49
C ASN B 26 -15.98 60.70 -41.64
N LYS B 27 -16.19 59.85 -42.65
CA LYS B 27 -17.50 59.25 -42.94
C LYS B 27 -17.27 57.72 -42.97
N MET B 28 -18.12 56.95 -43.63
CA MET B 28 -17.88 55.50 -43.71
C MET B 28 -18.55 54.80 -44.85
N ASN B 29 -17.75 54.09 -45.63
CA ASN B 29 -18.29 53.31 -46.73
C ASN B 29 -18.31 51.87 -46.22
N PHE B 30 -19.04 51.01 -46.93
CA PHE B 30 -19.20 49.61 -46.56
C PHE B 30 -17.91 48.89 -46.20
N LYS B 31 -16.96 48.99 -47.12
CA LYS B 31 -15.67 48.33 -46.97
C LYS B 31 -15.05 48.57 -45.61
N GLU B 32 -14.83 49.85 -45.29
CA GLU B 32 -14.25 50.23 -44.01
C GLU B 32 -15.00 49.54 -42.88
N LEU B 33 -16.32 49.60 -42.99
CA LEU B 33 -17.19 48.99 -42.00
C LEU B 33 -16.77 47.55 -41.88
N LYS B 34 -16.92 46.84 -43.01
CA LYS B 34 -16.61 45.42 -43.20
C LYS B 34 -15.38 45.10 -42.41
N ASP B 35 -14.45 46.04 -42.50
CA ASP B 35 -13.19 45.96 -41.79
C ASP B 35 -13.48 46.06 -40.31
N PHE B 36 -13.99 47.22 -39.89
CA PHE B 36 -14.32 47.51 -38.48
C PHE B 36 -15.03 46.32 -37.80
N LEU B 37 -15.89 45.65 -38.57
CA LEU B 37 -16.61 44.51 -38.06
C LEU B 37 -15.58 43.51 -37.62
N LYS B 38 -14.96 42.85 -38.60
CA LYS B 38 -13.90 41.86 -38.39
C LYS B 38 -12.91 42.24 -37.28
N GLU B 39 -12.71 43.56 -37.12
CA GLU B 39 -11.85 44.14 -36.07
C GLU B 39 -12.25 43.45 -34.78
N LEU B 40 -13.45 43.78 -34.31
CA LEU B 40 -14.03 43.16 -33.13
C LEU B 40 -14.57 41.84 -33.69
N ASN B 41 -14.08 40.71 -33.17
CA ASN B 41 -14.49 39.35 -33.64
C ASN B 41 -15.98 39.19 -34.04
N ILE B 42 -16.37 39.88 -35.11
CA ILE B 42 -17.74 39.90 -35.59
C ILE B 42 -17.90 39.18 -36.91
N GLN B 43 -18.85 38.27 -36.93
CA GLN B 43 -19.11 37.46 -38.11
C GLN B 43 -20.55 37.62 -38.61
N VAL B 44 -20.83 38.74 -39.26
CA VAL B 44 -22.19 38.90 -39.76
C VAL B 44 -22.25 38.89 -41.26
N ASP B 45 -23.40 38.51 -41.78
CA ASP B 45 -23.68 38.50 -43.18
C ASP B 45 -23.56 39.87 -43.80
N ASP B 46 -22.68 39.92 -44.79
CA ASP B 46 -22.41 41.10 -45.62
C ASP B 46 -23.76 41.64 -46.06
N GLY B 47 -24.60 40.75 -46.57
CA GLY B 47 -25.93 41.14 -47.02
C GLY B 47 -26.68 41.91 -45.94
N TYR B 48 -26.71 41.33 -44.75
CA TYR B 48 -27.35 41.95 -43.64
C TYR B 48 -26.52 43.16 -43.28
N ALA B 49 -25.24 42.97 -43.10
CA ALA B 49 -24.39 44.13 -42.75
C ALA B 49 -24.55 45.30 -43.73
N ARG B 50 -24.84 45.00 -44.99
CA ARG B 50 -25.02 46.01 -46.04
C ARG B 50 -26.33 46.71 -45.82
N LYS B 51 -27.36 45.90 -45.66
CA LYS B 51 -28.70 46.41 -45.41
C LYS B 51 -28.72 47.45 -44.25
N ILE B 52 -28.28 47.05 -43.08
CA ILE B 52 -28.24 47.93 -41.92
C ILE B 52 -27.47 49.19 -42.27
N PHE B 53 -26.41 49.04 -43.04
CA PHE B 53 -25.56 50.17 -43.41
C PHE B 53 -26.38 51.21 -44.17
N ARG B 54 -27.14 50.69 -45.12
CA ARG B 54 -27.99 51.52 -45.95
C ARG B 54 -29.01 52.26 -45.11
N GLU B 55 -29.83 51.49 -44.38
CA GLU B 55 -30.83 51.99 -43.46
C GLU B 55 -30.33 53.16 -42.60
N CYS B 56 -29.04 53.15 -42.34
CA CYS B 56 -28.43 54.14 -41.51
C CYS B 56 -28.08 55.41 -42.25
N ASP B 57 -28.02 55.31 -43.58
CA ASP B 57 -27.59 56.44 -44.45
C ASP B 57 -28.69 57.26 -45.11
N HIS B 58 -28.97 58.43 -44.53
CA HIS B 58 -30.00 59.35 -45.02
C HIS B 58 -29.53 60.03 -46.32
N SER B 59 -28.34 60.62 -46.25
CA SER B 59 -27.70 61.30 -47.36
C SER B 59 -27.84 60.54 -48.68
N GLN B 60 -27.73 59.22 -48.60
CA GLN B 60 -27.82 58.33 -49.75
C GLN B 60 -26.49 58.29 -50.52
N THR B 61 -25.49 59.04 -50.03
CA THR B 61 -24.15 59.10 -50.62
C THR B 61 -23.48 57.75 -50.52
N ASP B 62 -24.03 56.87 -49.69
CA ASP B 62 -23.46 55.55 -49.51
C ASP B 62 -22.18 55.60 -48.65
N SER B 63 -22.17 56.60 -47.78
CA SER B 63 -21.08 56.84 -46.82
C SER B 63 -21.78 57.11 -45.46
N LEU B 64 -21.10 56.80 -44.36
CA LEU B 64 -21.73 56.96 -43.06
C LEU B 64 -21.14 58.02 -42.15
N GLU B 65 -22.02 58.86 -41.63
CA GLU B 65 -21.61 59.92 -40.71
C GLU B 65 -21.76 59.34 -39.30
N ASP B 66 -21.05 59.93 -38.32
CA ASP B 66 -21.03 59.49 -36.91
C ASP B 66 -22.30 58.85 -36.37
N GLU B 67 -23.28 59.71 -36.12
CA GLU B 67 -24.57 59.31 -35.61
C GLU B 67 -25.09 58.12 -36.45
N GLU B 68 -24.82 58.16 -37.75
CA GLU B 68 -25.20 57.07 -38.63
C GLU B 68 -24.39 55.83 -38.26
N ILE B 69 -23.16 56.05 -37.80
CA ILE B 69 -22.31 54.93 -37.39
C ILE B 69 -22.83 54.42 -36.06
N GLU B 70 -23.07 55.36 -35.15
CA GLU B 70 -23.57 55.06 -33.81
C GLU B 70 -24.80 54.20 -34.00
N THR B 71 -25.77 54.76 -34.73
CA THR B 71 -27.03 54.08 -35.03
C THR B 71 -26.78 52.75 -35.75
N PHE B 72 -25.71 52.70 -36.55
CA PHE B 72 -25.39 51.48 -37.26
C PHE B 72 -24.82 50.41 -36.34
N TYR B 73 -23.81 50.77 -35.57
CA TYR B 73 -23.18 49.85 -34.64
C TYR B 73 -24.20 49.35 -33.59
N LYS B 74 -25.10 50.23 -33.16
CA LYS B 74 -26.11 49.83 -32.22
C LYS B 74 -26.98 48.74 -32.80
N MET B 75 -27.75 49.09 -33.82
CA MET B 75 -28.67 48.21 -34.56
C MET B 75 -28.12 46.81 -34.68
N LEU B 76 -26.85 46.79 -35.05
CA LEU B 76 -26.08 45.60 -35.26
C LEU B 76 -25.87 44.78 -34.00
N THR B 77 -25.45 45.49 -32.94
CA THR B 77 -25.13 44.88 -31.64
C THR B 77 -26.19 45.21 -30.60
N GLN B 78 -27.38 44.68 -30.82
CA GLN B 78 -28.51 44.98 -29.98
C GLN B 78 -29.24 43.72 -29.62
N ARG B 79 -29.46 43.57 -28.32
CA ARG B 79 -30.10 42.38 -27.86
C ARG B 79 -31.42 42.77 -27.26
N ALA B 80 -32.46 42.71 -28.07
CA ALA B 80 -33.76 43.10 -27.61
C ALA B 80 -34.15 42.36 -26.39
N GLU B 81 -33.86 41.07 -26.46
CA GLU B 81 -34.20 40.13 -25.40
C GLU B 81 -33.68 40.64 -24.10
N ILE B 82 -32.50 41.23 -24.14
CA ILE B 82 -31.91 41.75 -22.94
C ILE B 82 -32.59 43.06 -22.53
N ASP B 83 -32.89 43.88 -23.53
CA ASP B 83 -33.57 45.14 -23.33
C ASP B 83 -34.88 44.85 -22.63
N ARG B 84 -35.71 44.01 -23.25
CA ARG B 84 -37.01 43.70 -22.66
C ARG B 84 -36.89 43.24 -21.23
N ALA B 85 -36.01 42.27 -21.01
CA ALA B 85 -35.84 41.79 -19.66
C ALA B 85 -35.52 42.95 -18.68
N PHE B 86 -34.60 43.82 -19.06
CA PHE B 86 -34.27 44.93 -18.21
C PHE B 86 -35.50 45.77 -17.97
N GLU B 87 -36.20 46.14 -19.06
CA GLU B 87 -37.41 46.97 -18.94
C GLU B 87 -38.29 46.34 -17.90
N GLU B 88 -38.79 45.13 -18.17
CA GLU B 88 -39.62 44.39 -17.22
C GLU B 88 -39.08 44.43 -15.82
N ALA B 89 -37.78 44.28 -15.70
CA ALA B 89 -37.15 44.34 -14.39
C ALA B 89 -37.29 45.67 -13.74
N ALA B 90 -36.79 46.73 -14.37
CA ALA B 90 -36.78 48.04 -13.78
C ALA B 90 -38.00 48.90 -14.06
N GLY B 91 -38.80 48.48 -15.04
CA GLY B 91 -40.02 49.19 -15.42
C GLY B 91 -39.73 50.62 -15.82
N SER B 92 -40.45 51.55 -15.19
CA SER B 92 -40.37 53.01 -15.41
C SER B 92 -38.95 53.49 -15.63
N ALA B 93 -38.17 53.37 -14.57
CA ALA B 93 -36.79 53.83 -14.55
C ALA B 93 -35.89 53.38 -15.67
N GLU B 94 -34.75 54.05 -15.73
CA GLU B 94 -33.75 53.80 -16.73
C GLU B 94 -32.67 53.02 -15.99
N THR B 95 -32.94 52.74 -14.71
CA THR B 95 -31.99 52.04 -13.87
C THR B 95 -32.69 51.09 -12.94
N LEU B 96 -31.90 50.18 -12.35
CA LEU B 96 -32.43 49.21 -11.39
C LEU B 96 -32.06 49.67 -10.02
N SER B 97 -33.08 49.77 -9.18
CA SER B 97 -32.86 50.16 -7.82
C SER B 97 -32.77 48.85 -7.11
N VAL B 98 -32.02 48.78 -6.04
CA VAL B 98 -31.84 47.56 -5.24
C VAL B 98 -33.12 46.76 -5.08
N GLU B 99 -34.12 47.38 -4.47
CA GLU B 99 -35.46 46.82 -4.27
C GLU B 99 -35.97 46.22 -5.56
N ARG B 100 -35.67 46.89 -6.68
CA ARG B 100 -36.07 46.36 -7.98
C ARG B 100 -35.22 45.13 -8.30
N LEU B 101 -33.92 45.25 -8.10
CA LEU B 101 -33.01 44.17 -8.41
C LEU B 101 -33.34 42.96 -7.60
N VAL B 102 -33.53 43.18 -6.32
CA VAL B 102 -33.87 42.10 -5.43
C VAL B 102 -35.12 41.38 -5.92
N THR B 103 -36.09 42.15 -6.33
CA THR B 103 -37.32 41.58 -6.78
C THR B 103 -37.04 40.66 -7.93
N PHE B 104 -36.16 41.12 -8.82
CA PHE B 104 -35.75 40.38 -10.00
C PHE B 104 -35.10 39.09 -9.59
N LEU B 105 -34.12 39.23 -8.70
CA LEU B 105 -33.39 38.09 -8.16
C LEU B 105 -34.30 37.04 -7.56
N GLN B 106 -35.39 37.46 -6.98
CA GLN B 106 -36.25 36.48 -6.39
C GLN B 106 -37.22 35.92 -7.37
N HIS B 107 -38.01 36.80 -7.93
CA HIS B 107 -39.07 36.38 -8.80
C HIS B 107 -38.63 35.66 -10.05
N GLN B 108 -37.61 36.20 -10.71
CA GLN B 108 -37.09 35.64 -11.96
C GLN B 108 -35.92 34.67 -11.83
N GLN B 109 -34.87 35.13 -11.17
CA GLN B 109 -33.71 34.31 -10.94
C GLN B 109 -33.91 33.34 -9.83
N ARG B 110 -35.12 33.26 -9.30
CA ARG B 110 -35.46 32.41 -8.16
C ARG B 110 -34.42 32.14 -7.11
N GLU B 111 -33.72 33.20 -6.72
CA GLU B 111 -32.66 33.10 -5.76
C GLU B 111 -33.13 32.96 -4.34
N GLU B 112 -32.42 32.13 -3.60
CA GLU B 112 -32.73 31.85 -2.19
C GLU B 112 -32.17 32.94 -1.29
N GLU B 113 -30.89 33.20 -1.46
CA GLU B 113 -30.21 34.23 -0.70
C GLU B 113 -30.63 35.58 -1.26
N ALA B 114 -31.79 35.61 -1.92
CA ALA B 114 -32.25 36.84 -2.52
C ALA B 114 -32.38 37.85 -1.38
N GLY B 115 -31.80 39.02 -1.61
CA GLY B 115 -31.79 40.11 -0.64
C GLY B 115 -30.74 41.13 -1.03
N PRO B 116 -30.99 42.35 -0.59
CA PRO B 116 -30.15 43.50 -0.84
C PRO B 116 -28.67 43.21 -0.76
N ALA B 117 -28.29 42.35 0.17
CA ALA B 117 -26.89 41.96 0.32
C ALA B 117 -26.39 41.46 -1.04
N LEU B 118 -27.14 40.52 -1.62
CA LEU B 118 -26.82 39.95 -2.91
C LEU B 118 -26.97 40.95 -4.04
N ALA B 119 -28.08 41.69 -4.05
CA ALA B 119 -28.33 42.67 -5.11
C ALA B 119 -27.13 43.62 -5.11
N LEU B 120 -26.76 44.01 -3.91
CA LEU B 120 -25.66 44.92 -3.74
C LEU B 120 -24.36 44.42 -4.33
N SER B 121 -24.01 43.21 -3.90
CA SER B 121 -22.77 42.57 -4.35
C SER B 121 -22.70 42.61 -5.87
N LEU B 122 -23.83 42.26 -6.48
CA LEU B 122 -23.90 42.22 -7.90
C LEU B 122 -23.52 43.52 -8.43
N ILE B 123 -24.22 44.53 -7.94
CA ILE B 123 -23.97 45.91 -8.40
C ILE B 123 -22.52 46.35 -8.28
N GLU B 124 -21.96 46.18 -7.10
CA GLU B 124 -20.59 46.56 -6.88
C GLU B 124 -19.72 45.79 -7.83
N ARG B 125 -20.04 44.51 -7.96
CA ARG B 125 -19.30 43.61 -8.79
C ARG B 125 -19.39 43.93 -10.24
N TYR B 126 -20.61 44.10 -10.74
CA TYR B 126 -20.81 44.26 -12.16
C TYR B 126 -21.18 45.61 -12.74
N GLU B 127 -21.65 46.54 -11.89
CA GLU B 127 -22.10 47.84 -12.40
C GLU B 127 -20.95 48.70 -12.93
N PRO B 128 -20.95 48.95 -14.25
CA PRO B 128 -19.92 49.75 -14.91
C PRO B 128 -19.92 51.24 -14.47
N SER B 129 -21.12 51.86 -14.48
CA SER B 129 -21.21 53.27 -14.09
C SER B 129 -20.76 53.47 -12.64
N GLU B 130 -19.70 54.26 -12.50
CA GLU B 130 -19.16 54.55 -11.18
C GLU B 130 -20.20 55.29 -10.33
N THR B 131 -21.02 56.06 -11.04
CA THR B 131 -22.04 56.85 -10.39
C THR B 131 -23.17 55.98 -9.89
N ALA B 132 -23.83 55.29 -10.84
CA ALA B 132 -24.97 54.43 -10.54
C ALA B 132 -24.55 53.49 -9.47
N LYS B 133 -23.29 53.05 -9.62
CA LYS B 133 -22.68 52.11 -8.69
C LYS B 133 -22.76 52.73 -7.32
N ALA B 134 -22.19 53.93 -7.21
CA ALA B 134 -22.15 54.70 -5.97
C ALA B 134 -23.55 54.96 -5.39
N GLN B 135 -24.53 55.09 -6.28
CA GLN B 135 -25.90 55.34 -5.87
C GLN B 135 -26.73 54.07 -5.70
N ARG B 136 -26.03 52.93 -5.55
CA ARG B 136 -26.69 51.65 -5.36
C ARG B 136 -27.80 51.43 -6.39
N GLN B 137 -27.40 51.50 -7.65
CA GLN B 137 -28.28 51.30 -8.80
C GLN B 137 -27.62 50.55 -9.99
N MET B 138 -28.42 49.78 -10.73
CA MET B 138 -27.84 49.02 -11.82
C MET B 138 -28.35 49.47 -13.13
N THR B 139 -27.45 49.61 -14.08
CA THR B 139 -27.86 50.04 -15.40
C THR B 139 -28.07 48.86 -16.30
N LYS B 140 -28.56 49.10 -17.52
CA LYS B 140 -28.79 47.98 -18.43
C LYS B 140 -27.45 47.32 -18.64
N ASP B 141 -26.43 48.12 -18.73
CA ASP B 141 -25.09 47.57 -18.91
C ASP B 141 -24.69 46.66 -17.75
N GLY B 142 -24.83 47.15 -16.53
CA GLY B 142 -24.52 46.32 -15.37
C GLY B 142 -25.44 45.07 -15.38
N PHE B 143 -26.71 45.24 -15.79
CA PHE B 143 -27.65 44.14 -15.84
C PHE B 143 -27.03 43.06 -16.69
N LEU B 144 -26.68 43.42 -17.92
CA LEU B 144 -26.04 42.52 -18.88
C LEU B 144 -24.79 41.86 -18.35
N MET B 145 -23.89 42.66 -17.79
CA MET B 145 -22.63 42.15 -17.26
C MET B 145 -22.91 40.98 -16.38
N TYR B 146 -23.76 41.23 -15.40
CA TYR B 146 -24.15 40.25 -14.42
C TYR B 146 -24.63 39.01 -15.17
N LEU B 147 -25.61 39.17 -16.03
CA LEU B 147 -26.13 38.04 -16.80
C LEU B 147 -25.05 37.23 -17.53
N LEU B 148 -23.93 37.87 -17.89
CA LEU B 148 -22.89 37.18 -18.62
C LEU B 148 -21.80 36.70 -17.69
N SER B 149 -21.86 37.16 -16.44
CA SER B 149 -20.89 36.80 -15.42
C SER B 149 -21.08 35.35 -14.89
N ALA B 150 -20.19 34.99 -13.99
CA ALA B 150 -20.23 33.69 -13.40
C ALA B 150 -21.50 33.60 -12.56
N ASP B 151 -22.06 34.76 -12.27
CA ASP B 151 -23.26 34.83 -11.45
C ASP B 151 -24.51 34.63 -12.31
N GLY B 152 -24.38 34.93 -13.60
CA GLY B 152 -25.50 34.74 -14.54
C GLY B 152 -25.39 33.41 -15.32
N ASN B 153 -24.34 32.66 -15.01
CA ASN B 153 -24.06 31.39 -15.60
C ASN B 153 -25.17 30.37 -15.25
N ALA B 154 -25.60 29.58 -16.23
CA ALA B 154 -26.61 28.59 -15.93
C ALA B 154 -26.06 27.52 -15.01
N PHE B 155 -24.73 27.47 -14.90
CA PHE B 155 -24.13 26.47 -14.08
C PHE B 155 -23.83 27.13 -12.80
N SER B 156 -24.55 26.72 -11.77
CA SER B 156 -24.38 27.29 -10.47
C SER B 156 -22.99 27.63 -9.95
N LEU B 157 -22.67 28.92 -9.94
CA LEU B 157 -21.39 29.41 -9.44
C LEU B 157 -21.07 28.81 -8.07
N ALA B 158 -22.09 28.64 -7.23
CA ALA B 158 -21.90 28.03 -5.91
C ALA B 158 -21.43 26.57 -6.02
N HIS B 159 -21.83 25.84 -7.04
CA HIS B 159 -21.41 24.45 -7.14
C HIS B 159 -20.03 24.33 -7.74
N ARG B 160 -19.45 25.47 -8.10
CA ARG B 160 -18.15 25.45 -8.70
C ARG B 160 -17.05 25.63 -7.71
N ARG B 161 -17.27 25.11 -6.50
CA ARG B 161 -16.25 25.09 -5.46
C ARG B 161 -16.66 23.93 -4.62
N VAL B 162 -15.68 23.28 -3.98
CA VAL B 162 -15.97 22.09 -3.16
C VAL B 162 -16.99 22.53 -2.15
N TYR B 163 -18.19 21.98 -2.19
CA TYR B 163 -19.23 22.35 -1.29
C TYR B 163 -19.97 21.16 -0.71
N GLN B 164 -19.55 19.94 -1.01
CA GLN B 164 -20.25 18.79 -0.44
C GLN B 164 -19.53 18.11 0.72
N ASP B 165 -20.23 17.16 1.36
CA ASP B 165 -19.65 16.43 2.47
C ASP B 165 -18.55 15.50 1.90
N MET B 166 -17.28 15.93 2.05
CA MET B 166 -16.12 15.21 1.55
C MET B 166 -15.56 14.29 2.63
N ASP B 167 -16.39 13.95 3.60
CA ASP B 167 -15.93 13.15 4.71
C ASP B 167 -16.47 11.74 4.71
N GLN B 168 -17.16 11.36 3.64
CA GLN B 168 -17.66 10.00 3.54
C GLN B 168 -16.67 9.09 2.84
N PRO B 169 -16.88 7.78 2.91
CA PRO B 169 -15.95 6.84 2.31
C PRO B 169 -15.94 6.99 0.79
N LEU B 170 -14.75 6.81 0.17
CA LEU B 170 -14.57 6.97 -1.30
C LEU B 170 -15.71 6.38 -2.09
N SER B 171 -16.11 5.20 -1.67
CA SER B 171 -17.18 4.51 -2.29
C SER B 171 -18.47 5.35 -2.34
N HIS B 172 -18.47 6.50 -1.69
CA HIS B 172 -19.70 7.25 -1.71
C HIS B 172 -19.68 8.36 -2.76
N TYR B 173 -18.55 8.50 -3.44
CA TYR B 173 -18.40 9.51 -4.44
C TYR B 173 -18.19 8.89 -5.79
N LEU B 174 -18.52 9.66 -6.84
CA LEU B 174 -18.26 9.29 -8.21
C LEU B 174 -16.86 9.85 -8.39
N VAL B 175 -15.97 9.05 -8.95
CA VAL B 175 -14.57 9.44 -9.14
C VAL B 175 -14.25 9.66 -10.63
N SER B 176 -13.50 10.71 -10.92
CA SER B 176 -13.14 11.03 -12.27
C SER B 176 -11.97 10.11 -12.65
N SER B 177 -12.27 9.13 -13.49
CA SER B 177 -11.29 8.18 -13.91
C SER B 177 -11.15 8.02 -15.40
N SER B 178 -9.93 7.70 -15.83
CA SER B 178 -9.61 7.51 -17.26
C SER B 178 -9.16 6.09 -17.62
N HIS B 179 -9.10 5.82 -18.93
CA HIS B 179 -8.67 4.52 -19.43
C HIS B 179 -7.41 4.60 -20.33
N ASN B 180 -6.40 3.80 -19.99
CA ASN B 180 -5.06 3.77 -20.66
C ASN B 180 -4.61 5.18 -20.87
N THR B 181 -4.56 5.87 -19.76
CA THR B 181 -4.25 7.25 -19.74
C THR B 181 -3.07 7.61 -20.57
N TYR B 182 -2.09 6.73 -20.61
CA TYR B 182 -0.83 7.06 -21.35
C TYR B 182 -1.05 7.30 -22.83
N LEU B 183 -2.19 6.80 -23.33
CA LEU B 183 -2.55 6.90 -24.76
C LEU B 183 -3.08 8.28 -25.19
N LEU B 184 -2.61 8.77 -26.34
CA LEU B 184 -3.03 10.06 -26.90
C LEU B 184 -4.11 9.86 -28.00
N GLU B 185 -4.18 8.67 -28.62
CA GLU B 185 -5.14 8.43 -29.70
C GLU B 185 -5.79 7.06 -29.65
N ASP B 186 -5.50 6.23 -30.67
CA ASP B 186 -6.10 4.86 -30.72
C ASP B 186 -5.34 3.90 -29.83
N GLN B 187 -5.92 2.72 -29.69
CA GLN B 187 -5.36 1.69 -28.82
C GLN B 187 -4.40 0.75 -29.53
N LEU B 188 -4.25 0.89 -30.84
CA LEU B 188 -3.45 -0.08 -31.59
C LEU B 188 -2.10 0.38 -31.97
N THR B 189 -2.02 1.58 -32.53
CA THR B 189 -0.73 2.04 -33.00
C THR B 189 -0.52 3.49 -32.67
N GLY B 190 -1.43 4.07 -31.90
CA GLY B 190 -1.30 5.47 -31.57
C GLY B 190 -0.11 5.67 -30.65
N PRO B 191 0.30 6.92 -30.49
CA PRO B 191 1.40 7.23 -29.62
C PRO B 191 0.97 7.24 -28.17
N SER B 192 1.94 7.10 -27.28
CA SER B 192 1.76 7.16 -25.82
C SER B 192 2.61 8.35 -25.43
N SER B 193 2.24 9.03 -24.32
CA SER B 193 2.96 10.23 -23.92
C SER B 193 2.64 10.66 -22.52
N THR B 194 3.61 11.30 -21.86
CA THR B 194 3.38 11.80 -20.52
C THR B 194 2.35 12.95 -20.62
N GLU B 195 2.36 13.63 -21.76
CA GLU B 195 1.43 14.71 -22.02
C GLU B 195 0.02 14.19 -21.74
N ALA B 196 -0.27 12.96 -22.13
CA ALA B 196 -1.58 12.42 -21.91
C ALA B 196 -1.95 12.41 -20.45
N TYR B 197 -1.01 12.07 -19.55
CA TYR B 197 -1.34 12.05 -18.13
C TYR B 197 -1.50 13.45 -17.61
N ILE B 198 -0.71 14.36 -18.15
CA ILE B 198 -0.80 15.74 -17.73
C ILE B 198 -2.17 16.33 -18.11
N ARG B 199 -2.56 16.13 -19.36
CA ARG B 199 -3.82 16.64 -19.82
C ARG B 199 -4.96 16.15 -18.98
N ALA B 200 -5.05 14.85 -18.76
CA ALA B 200 -6.16 14.32 -17.94
C ALA B 200 -6.11 14.93 -16.56
N LEU B 201 -4.90 14.99 -16.00
CA LEU B 201 -4.78 15.57 -14.67
C LEU B 201 -5.26 17.03 -14.75
N CYS B 202 -4.90 17.72 -15.80
CA CYS B 202 -5.39 19.06 -15.88
C CYS B 202 -6.87 19.10 -16.10
N LYS B 203 -7.45 18.09 -16.71
CA LYS B 203 -8.92 18.10 -16.89
C LYS B 203 -9.61 17.55 -15.60
N GLY B 204 -8.81 17.39 -14.55
CA GLY B 204 -9.34 16.92 -13.25
C GLY B 204 -9.40 15.45 -12.92
N CYS B 205 -8.89 14.61 -13.79
CA CYS B 205 -8.91 13.15 -13.56
C CYS B 205 -8.31 12.73 -12.22
N ARG B 206 -8.93 11.80 -11.54
CA ARG B 206 -8.37 11.37 -10.27
C ARG B 206 -7.73 9.96 -10.36
N CYS B 207 -8.33 9.07 -11.15
CA CYS B 207 -7.85 7.73 -11.30
C CYS B 207 -7.25 7.56 -12.67
N LEU B 208 -5.95 7.30 -12.69
CA LEU B 208 -5.14 7.13 -13.89
C LEU B 208 -4.69 5.69 -14.15
N GLU B 209 -4.66 5.26 -15.42
CA GLU B 209 -4.22 3.90 -15.76
C GLU B 209 -2.77 3.79 -16.31
N LEU B 210 -1.95 2.98 -15.64
CA LEU B 210 -0.58 2.76 -16.02
C LEU B 210 -0.43 1.27 -16.38
N ASP B 211 -0.02 0.98 -17.63
CA ASP B 211 0.20 -0.40 -18.10
C ASP B 211 1.68 -0.62 -18.12
N CYS B 212 2.17 -1.32 -17.10
CA CYS B 212 3.61 -1.48 -16.88
C CYS B 212 4.19 -2.74 -17.47
N TRP B 213 5.23 -2.56 -18.25
CA TRP B 213 5.85 -3.66 -18.92
C TRP B 213 7.34 -3.52 -18.78
N ASP B 214 8.05 -4.62 -18.93
CA ASP B 214 9.49 -4.63 -18.79
C ASP B 214 10.08 -3.88 -19.96
N GLY B 215 11.14 -3.12 -19.73
CA GLY B 215 11.76 -2.41 -20.83
C GLY B 215 13.26 -2.58 -20.75
N PRO B 216 13.97 -2.08 -21.75
CA PRO B 216 15.42 -2.16 -21.79
C PRO B 216 16.03 -1.48 -20.57
N ASN B 217 17.33 -1.65 -20.42
CA ASN B 217 18.05 -1.03 -19.32
C ASN B 217 17.40 -1.35 -17.98
N GLN B 218 16.60 -2.41 -17.96
CA GLN B 218 15.93 -2.82 -16.73
C GLN B 218 15.11 -1.68 -16.22
N GLU B 219 14.69 -0.82 -17.13
CA GLU B 219 13.86 0.31 -16.78
C GLU B 219 12.55 -0.05 -17.33
N PRO B 220 11.53 -0.11 -16.48
CA PRO B 220 10.15 -0.47 -16.89
C PRO B 220 9.52 0.59 -17.78
N ILE B 221 8.59 0.16 -18.65
CA ILE B 221 7.95 1.05 -19.57
C ILE B 221 6.46 0.91 -19.52
N ILE B 222 5.82 1.82 -20.22
CA ILE B 222 4.37 1.83 -20.27
C ILE B 222 3.97 1.98 -21.71
N TYR B 223 3.09 1.06 -22.11
CA TYR B 223 2.51 1.05 -23.40
C TYR B 223 1.37 0.06 -23.41
N HIS B 224 0.64 -0.05 -24.51
CA HIS B 224 -0.50 -0.95 -24.57
C HIS B 224 -0.01 -2.33 -25.07
N GLY B 225 0.00 -3.28 -24.15
CA GLY B 225 0.50 -4.61 -24.44
C GLY B 225 -0.03 -5.24 -25.74
N TYR B 226 0.85 -5.90 -26.48
CA TYR B 226 0.37 -6.62 -27.65
C TYR B 226 -0.13 -5.71 -28.78
N THR B 227 0.33 -4.46 -28.78
CA THR B 227 -0.11 -3.56 -29.82
C THR B 227 1.12 -2.82 -30.23
N PHE B 228 0.95 -1.85 -31.11
CA PHE B 228 2.05 -1.10 -31.65
C PHE B 228 2.14 0.28 -31.07
N THR B 229 1.35 0.52 -30.05
CA THR B 229 1.33 1.83 -29.40
C THR B 229 2.71 2.20 -28.85
N SER B 230 3.14 3.42 -29.10
CA SER B 230 4.41 3.95 -28.67
C SER B 230 4.65 3.66 -27.19
N LYS B 231 5.91 3.66 -26.77
CA LYS B 231 6.26 3.37 -25.36
C LYS B 231 6.82 4.56 -24.62
N ILE B 232 6.68 4.53 -23.29
CA ILE B 232 7.22 5.60 -22.44
C ILE B 232 7.67 4.99 -21.14
N LEU B 233 8.50 5.74 -20.43
CA LEU B 233 9.07 5.28 -19.19
C LEU B 233 8.21 5.50 -17.96
N PHE B 234 8.08 4.43 -17.19
CA PHE B 234 7.34 4.49 -15.95
C PHE B 234 7.82 5.66 -15.06
N CYS B 235 9.12 5.85 -14.92
CA CYS B 235 9.60 6.94 -14.08
C CYS B 235 9.21 8.30 -14.66
N ASP B 236 9.38 8.47 -15.97
CA ASP B 236 8.98 9.70 -16.61
C ASP B 236 7.50 10.03 -16.34
N VAL B 237 6.67 9.00 -16.39
CA VAL B 237 5.26 9.14 -16.14
C VAL B 237 5.05 9.56 -14.68
N LEU B 238 5.83 8.98 -13.77
CA LEU B 238 5.69 9.28 -12.35
C LEU B 238 5.98 10.77 -12.06
N ARG B 239 7.02 11.28 -12.69
CA ARG B 239 7.44 12.66 -12.51
C ARG B 239 6.30 13.57 -12.96
N ALA B 240 5.66 13.24 -14.08
CA ALA B 240 4.57 14.11 -14.54
C ALA B 240 3.40 14.06 -13.60
N ILE B 241 3.04 12.87 -13.17
CA ILE B 241 1.93 12.73 -12.28
C ILE B 241 2.29 13.51 -11.02
N ARG B 242 3.56 13.49 -10.67
CA ARG B 242 3.97 14.09 -9.42
C ARG B 242 3.66 15.52 -9.47
N ASP B 243 4.06 16.11 -10.57
CA ASP B 243 3.86 17.52 -10.81
C ASP B 243 2.45 17.99 -10.99
N TYR B 244 1.54 17.19 -11.50
CA TYR B 244 0.21 17.70 -11.75
C TYR B 244 -0.91 17.06 -11.02
N ALA B 245 -0.59 16.12 -10.14
CA ALA B 245 -1.62 15.39 -9.43
C ALA B 245 -2.65 16.31 -8.80
N PHE B 246 -2.17 17.38 -8.21
CA PHE B 246 -3.06 18.28 -7.53
C PHE B 246 -3.22 19.67 -8.10
N LYS B 247 -2.82 19.86 -9.35
CA LYS B 247 -2.99 21.15 -9.97
C LYS B 247 -4.45 21.51 -10.01
N ALA B 248 -5.29 20.56 -10.38
CA ALA B 248 -6.71 20.82 -10.47
C ALA B 248 -7.50 20.54 -9.23
N SER B 249 -6.90 19.85 -8.27
CA SER B 249 -7.64 19.44 -7.08
C SER B 249 -6.70 18.90 -6.04
N PRO B 250 -7.03 19.15 -4.81
CA PRO B 250 -6.22 18.69 -3.69
C PRO B 250 -6.64 17.23 -3.31
N TYR B 251 -7.69 16.69 -3.92
CA TYR B 251 -8.13 15.35 -3.56
C TYR B 251 -7.32 14.17 -4.09
N PRO B 252 -7.35 13.06 -3.38
CA PRO B 252 -6.54 11.90 -3.73
C PRO B 252 -6.57 11.40 -5.19
N VAL B 253 -5.38 11.02 -5.66
CA VAL B 253 -5.18 10.43 -6.97
C VAL B 253 -4.89 8.91 -6.86
N ILE B 254 -5.66 8.10 -7.58
CA ILE B 254 -5.48 6.68 -7.61
C ILE B 254 -4.79 6.23 -8.87
N LEU B 255 -3.65 5.54 -8.74
CA LEU B 255 -2.91 4.95 -9.86
C LEU B 255 -3.35 3.53 -10.01
N SER B 256 -4.03 3.23 -11.08
CA SER B 256 -4.46 1.87 -11.29
C SER B 256 -3.34 1.22 -12.07
N LEU B 257 -2.54 0.40 -11.38
CA LEU B 257 -1.44 -0.30 -12.02
C LEU B 257 -1.90 -1.60 -12.65
N GLU B 258 -1.45 -1.81 -13.90
CA GLU B 258 -1.70 -3.05 -14.65
C GLU B 258 -0.28 -3.57 -14.90
N ASN B 259 0.13 -4.46 -13.98
CA ASN B 259 1.49 -5.03 -13.89
C ASN B 259 1.81 -6.24 -14.76
N HIS B 260 2.80 -6.12 -15.60
CA HIS B 260 3.18 -7.20 -16.46
C HIS B 260 4.69 -7.27 -16.39
N CYS B 261 5.25 -6.80 -15.28
CA CYS B 261 6.65 -6.72 -15.14
C CYS B 261 7.28 -7.89 -14.46
N SER B 262 8.52 -8.17 -14.85
CA SER B 262 9.26 -9.24 -14.21
C SER B 262 9.47 -8.78 -12.81
N LEU B 263 9.73 -9.73 -11.92
CA LEU B 263 9.95 -9.43 -10.50
C LEU B 263 11.02 -8.37 -10.32
N GLU B 264 12.07 -8.42 -11.10
CA GLU B 264 13.05 -7.40 -10.92
C GLU B 264 12.49 -6.04 -11.26
N GLN B 265 11.87 -5.91 -12.42
CA GLN B 265 11.32 -4.63 -12.86
C GLN B 265 10.21 -4.16 -11.91
N GLN B 266 9.47 -5.09 -11.32
CA GLN B 266 8.48 -4.66 -10.33
C GLN B 266 9.23 -3.97 -9.16
N ARG B 267 10.41 -4.48 -8.82
CA ARG B 267 11.20 -3.93 -7.75
C ARG B 267 11.56 -2.53 -8.17
N VAL B 268 12.06 -2.40 -9.39
CA VAL B 268 12.40 -1.09 -9.96
C VAL B 268 11.23 -0.11 -9.84
N MET B 269 10.05 -0.56 -10.22
CA MET B 269 8.88 0.25 -10.08
C MET B 269 8.72 0.78 -8.64
N ALA B 270 8.73 -0.14 -7.68
CA ALA B 270 8.52 0.23 -6.32
C ALA B 270 9.48 1.31 -5.89
N ARG B 271 10.70 1.24 -6.41
CA ARG B 271 11.72 2.23 -6.07
C ARG B 271 11.33 3.56 -6.63
N HIS B 272 11.08 3.58 -7.92
CA HIS B 272 10.62 4.78 -8.60
C HIS B 272 9.41 5.39 -7.86
N LEU B 273 8.46 4.58 -7.43
CA LEU B 273 7.32 5.09 -6.72
C LEU B 273 7.78 5.86 -5.52
N ARG B 274 8.51 5.23 -4.61
CA ARG B 274 8.98 5.91 -3.40
C ARG B 274 9.93 7.07 -3.71
N ALA B 275 10.88 6.82 -4.58
CA ALA B 275 11.83 7.85 -4.88
C ALA B 275 11.17 9.09 -5.44
N ILE B 276 10.22 8.89 -6.36
CA ILE B 276 9.58 10.01 -7.00
C ILE B 276 8.35 10.58 -6.27
N LEU B 277 7.38 9.74 -5.93
CA LEU B 277 6.20 10.23 -5.25
C LEU B 277 6.56 10.68 -3.83
N GLY B 278 7.54 10.01 -3.25
CA GLY B 278 7.94 10.38 -1.92
C GLY B 278 6.82 10.33 -0.90
N PRO B 279 6.63 11.47 -0.24
CA PRO B 279 5.63 11.59 0.84
C PRO B 279 4.20 11.72 0.37
N ILE B 280 4.02 11.95 -0.93
CA ILE B 280 2.67 12.01 -1.47
C ILE B 280 2.03 10.63 -1.53
N LEU B 281 2.88 9.66 -1.82
CA LEU B 281 2.50 8.28 -1.92
C LEU B 281 1.99 7.73 -0.59
N LEU B 282 0.83 7.11 -0.62
CA LEU B 282 0.27 6.50 0.56
C LEU B 282 0.76 5.06 0.52
N ASP B 283 1.67 4.71 1.42
CA ASP B 283 2.19 3.34 1.50
C ASP B 283 1.88 2.71 2.82
N GLN B 284 0.90 3.27 3.53
CA GLN B 284 0.56 2.73 4.83
C GLN B 284 -0.81 3.19 5.24
N PRO B 285 -1.57 2.26 5.77
CA PRO B 285 -2.94 2.48 6.25
C PRO B 285 -3.06 3.75 7.02
N LEU B 286 -4.28 4.25 7.14
CA LEU B 286 -4.49 5.53 7.84
C LEU B 286 -4.99 5.33 9.25
N ASP B 287 -4.65 6.32 10.07
CA ASP B 287 -5.04 6.27 11.46
C ASP B 287 -6.50 6.56 11.45
N GLY B 288 -7.26 5.70 12.07
CA GLY B 288 -8.69 5.91 12.18
C GLY B 288 -9.52 5.10 11.25
N VAL B 289 -9.01 4.93 10.04
CA VAL B 289 -9.75 4.18 9.04
C VAL B 289 -9.62 2.73 9.37
N THR B 290 -10.77 2.05 9.54
CA THR B 290 -10.77 0.61 9.87
C THR B 290 -11.95 -0.19 9.33
N THR B 291 -13.15 0.35 9.45
CA THR B 291 -14.35 -0.36 9.03
C THR B 291 -14.75 -0.09 7.58
N SER B 292 -14.27 1.03 7.06
CA SER B 292 -14.64 1.49 5.75
C SER B 292 -13.49 2.16 5.07
N LEU B 293 -13.77 2.68 3.88
CA LEU B 293 -12.76 3.33 3.07
C LEU B 293 -12.50 4.75 3.56
N PRO B 294 -11.29 5.22 3.40
CA PRO B 294 -11.02 6.58 3.77
C PRO B 294 -11.87 7.49 2.90
N SER B 295 -12.10 8.73 3.36
CA SER B 295 -12.87 9.75 2.66
C SER B 295 -11.86 10.55 1.85
N PRO B 296 -12.34 11.31 0.87
CA PRO B 296 -11.45 12.13 0.03
C PRO B 296 -10.65 13.07 0.94
N GLU B 297 -11.30 13.51 2.00
CA GLU B 297 -10.64 14.41 2.91
C GLU B 297 -9.45 13.77 3.59
N GLN B 298 -9.69 12.61 4.20
CA GLN B 298 -8.63 11.90 4.91
C GLN B 298 -7.49 11.58 4.01
N LEU B 299 -7.78 11.40 2.72
CA LEU B 299 -6.77 11.11 1.71
C LEU B 299 -6.20 12.31 0.92
N LYS B 300 -6.52 13.53 1.35
CA LYS B 300 -6.09 14.73 0.64
C LYS B 300 -4.64 14.74 0.37
N GLY B 301 -4.27 15.22 -0.81
CA GLY B 301 -2.87 15.40 -1.18
C GLY B 301 -2.10 14.13 -1.24
N LYS B 302 -2.82 13.01 -1.19
CA LYS B 302 -2.20 11.69 -1.25
C LYS B 302 -2.41 11.00 -2.60
N ILE B 303 -1.49 10.10 -2.94
CA ILE B 303 -1.63 9.26 -4.13
C ILE B 303 -1.72 7.77 -3.70
N LEU B 304 -2.84 7.09 -3.92
CA LEU B 304 -2.97 5.69 -3.56
C LEU B 304 -2.66 4.85 -4.78
N LEU B 305 -2.34 3.59 -4.51
CA LEU B 305 -2.02 2.63 -5.54
C LEU B 305 -3.11 1.63 -5.61
N LYS B 306 -3.43 1.21 -6.84
CA LYS B 306 -4.44 0.21 -7.10
C LYS B 306 -3.78 -0.89 -7.87
N GLY B 307 -4.02 -2.12 -7.44
CA GLY B 307 -3.39 -3.23 -8.08
C GLY B 307 -3.66 -4.54 -7.38
N LYS B 308 -2.92 -5.55 -7.82
CA LYS B 308 -3.05 -6.90 -7.27
C LYS B 308 -2.11 -7.01 -6.09
N LYS B 309 -2.60 -7.61 -5.03
CA LYS B 309 -1.87 -7.72 -3.80
C LYS B 309 -1.68 -9.18 -3.46
N LEU B 310 -0.51 -9.51 -2.93
CA LEU B 310 -0.17 -10.86 -2.48
C LEU B 310 -1.18 -11.40 -1.47
N GLY B 311 -1.69 -12.59 -1.76
CA GLY B 311 -2.68 -13.27 -0.96
C GLY B 311 -2.49 -13.31 0.56
N GLY B 312 -3.59 -13.11 1.25
CA GLY B 312 -3.60 -13.14 2.69
C GLY B 312 -4.36 -14.39 3.10
N LEU B 313 -5.09 -14.32 4.21
CA LEU B 313 -5.85 -15.47 4.71
C LEU B 313 -6.82 -16.02 3.69
N ASP B 352 1.61 -16.67 -6.47
CA ASP B 352 1.62 -15.32 -5.92
C ASP B 352 3.05 -14.75 -5.76
N LYS B 353 3.87 -15.38 -4.90
CA LYS B 353 5.23 -14.91 -4.66
C LYS B 353 6.16 -15.16 -5.86
N LEU B 354 5.64 -15.88 -6.83
CA LEU B 354 6.42 -16.16 -8.00
C LEU B 354 5.97 -15.20 -9.10
N LYS B 355 4.97 -14.38 -8.76
CA LYS B 355 4.39 -13.37 -9.67
C LYS B 355 4.47 -11.93 -9.18
N LEU B 356 4.28 -11.74 -7.87
CA LEU B 356 4.28 -10.43 -7.20
C LEU B 356 5.39 -10.26 -6.22
N VAL B 357 6.00 -9.09 -6.23
CA VAL B 357 7.04 -8.73 -5.26
C VAL B 357 6.41 -7.95 -4.11
N PRO B 358 6.84 -8.21 -2.89
CA PRO B 358 6.25 -7.50 -1.73
C PRO B 358 6.45 -5.97 -1.80
N GLU B 359 7.57 -5.53 -2.35
CA GLU B 359 7.88 -4.13 -2.49
C GLU B 359 6.74 -3.35 -3.04
N LEU B 360 6.15 -3.87 -4.09
CA LEU B 360 5.00 -3.29 -4.76
C LEU B 360 3.76 -3.64 -4.04
N SER B 361 3.56 -4.91 -3.84
CA SER B 361 2.34 -5.35 -3.22
C SER B 361 2.09 -4.72 -1.88
N ASP B 362 3.14 -4.46 -1.13
CA ASP B 362 3.02 -3.91 0.21
C ASP B 362 2.47 -2.48 0.13
N MET B 363 2.61 -1.88 -1.04
CA MET B 363 2.12 -0.53 -1.30
C MET B 363 0.62 -0.44 -1.64
N ILE B 364 -0.06 -1.55 -1.90
CA ILE B 364 -1.47 -1.54 -2.19
C ILE B 364 -2.17 -1.64 -0.85
N ILE B 365 -2.82 -0.58 -0.43
CA ILE B 365 -3.54 -0.51 0.86
C ILE B 365 -5.10 -0.59 0.74
N TYR B 366 -5.71 0.36 0.05
CA TYR B 366 -7.16 0.41 0.00
C TYR B 366 -7.79 -0.07 -1.27
N CYS B 367 -6.97 -0.39 -2.25
CA CYS B 367 -7.48 -0.80 -3.55
C CYS B 367 -6.89 -2.09 -4.07
N LYS B 368 -7.37 -3.21 -3.55
CA LYS B 368 -6.84 -4.49 -3.98
C LYS B 368 -7.67 -4.91 -5.13
N SER B 369 -7.03 -5.07 -6.28
CA SER B 369 -7.67 -5.49 -7.48
C SER B 369 -8.07 -6.96 -7.30
N VAL B 370 -9.37 -7.24 -7.44
CA VAL B 370 -9.91 -8.58 -7.30
C VAL B 370 -10.81 -8.95 -8.46
N HIS B 371 -11.08 -10.23 -8.55
CA HIS B 371 -11.95 -10.74 -9.58
C HIS B 371 -13.31 -10.67 -8.96
N PHE B 372 -14.29 -10.16 -9.69
CA PHE B 372 -15.64 -10.06 -9.13
C PHE B 372 -16.12 -11.39 -8.64
N GLY B 373 -16.54 -11.42 -7.38
CA GLY B 373 -17.09 -12.64 -6.81
C GLY B 373 -18.58 -12.71 -7.17
N GLY B 374 -19.35 -11.86 -6.52
CA GLY B 374 -20.76 -11.75 -6.78
C GLY B 374 -21.26 -10.69 -5.84
N PHE B 375 -22.59 -10.51 -5.86
CA PHE B 375 -23.24 -9.58 -4.97
C PHE B 375 -23.65 -10.42 -3.77
N SER B 376 -23.01 -10.14 -2.63
CA SER B 376 -23.17 -10.93 -1.42
C SER B 376 -24.18 -10.47 -0.37
N SER B 377 -25.41 -10.22 -0.81
CA SER B 377 -26.50 -9.91 0.12
C SER B 377 -26.90 -11.31 0.66
N PRO B 378 -27.08 -12.26 -0.28
CA PRO B 378 -27.39 -13.66 0.11
C PRO B 378 -26.11 -14.02 0.90
N GLY B 379 -26.08 -13.58 2.15
CA GLY B 379 -24.96 -13.73 3.04
C GLY B 379 -24.65 -12.38 3.65
N THR B 380 -23.37 -12.16 4.01
CA THR B 380 -22.92 -10.89 4.59
C THR B 380 -21.43 -10.74 4.34
N SER B 381 -20.92 -11.51 3.38
CA SER B 381 -19.49 -11.47 3.04
C SER B 381 -19.22 -11.61 1.56
N GLY B 382 -18.78 -10.52 0.93
CA GLY B 382 -18.45 -10.55 -0.50
C GLY B 382 -17.06 -9.99 -0.68
N GLN B 383 -16.96 -8.67 -0.87
CA GLN B 383 -15.66 -8.06 -0.99
C GLN B 383 -15.42 -7.11 0.19
N ALA B 384 -14.17 -7.02 0.60
CA ALA B 384 -13.79 -6.12 1.64
C ALA B 384 -13.92 -4.71 1.04
N PHE B 385 -14.11 -3.74 1.91
CA PHE B 385 -14.23 -2.39 1.49
C PHE B 385 -12.97 -2.05 0.75
N TYR B 386 -11.91 -2.76 1.05
CA TYR B 386 -10.67 -2.45 0.40
C TYR B 386 -10.42 -3.32 -0.80
N GLU B 387 -11.47 -3.95 -1.27
CA GLU B 387 -11.35 -4.77 -2.46
C GLU B 387 -12.15 -4.15 -3.59
N MET B 388 -11.47 -3.93 -4.71
CA MET B 388 -12.10 -3.34 -5.88
C MET B 388 -12.09 -4.21 -7.13
N ALA B 389 -13.30 -4.53 -7.62
CA ALA B 389 -13.46 -5.30 -8.85
C ALA B 389 -13.61 -4.38 -10.08
N SER B 390 -13.11 -4.83 -11.24
CA SER B 390 -13.25 -4.10 -12.50
C SER B 390 -14.22 -4.86 -13.41
N PHE B 391 -14.98 -4.12 -14.20
CA PHE B 391 -15.92 -4.72 -15.12
C PHE B 391 -15.82 -4.00 -16.42
N SER B 392 -15.92 -4.75 -17.50
CA SER B 392 -15.91 -4.15 -18.83
C SER B 392 -17.34 -3.58 -19.03
N GLU B 393 -17.41 -2.66 -19.96
CA GLU B 393 -18.67 -2.01 -20.30
C GLU B 393 -19.76 -3.04 -20.55
N SER B 394 -19.38 -4.09 -21.22
CA SER B 394 -20.32 -5.16 -21.55
C SER B 394 -20.78 -5.89 -20.28
N ARG B 395 -19.84 -6.45 -19.51
CA ARG B 395 -20.21 -7.16 -18.30
C ARG B 395 -21.00 -6.29 -17.33
N ALA B 396 -20.61 -5.03 -17.25
CA ALA B 396 -21.25 -4.09 -16.37
C ALA B 396 -22.69 -3.97 -16.78
N LEU B 397 -22.94 -3.81 -18.07
CA LEU B 397 -24.33 -3.73 -18.50
C LEU B 397 -25.19 -4.93 -18.18
N ARG B 398 -24.61 -6.10 -18.29
CA ARG B 398 -25.37 -7.29 -18.01
C ARG B 398 -25.74 -7.32 -16.58
N LEU B 399 -24.74 -7.11 -15.69
CA LEU B 399 -24.99 -7.10 -14.24
C LEU B 399 -26.09 -6.10 -13.87
N LEU B 400 -26.09 -4.98 -14.58
CA LEU B 400 -27.05 -3.90 -14.31
C LEU B 400 -28.39 -4.31 -14.85
N GLN B 401 -28.35 -5.08 -15.94
CA GLN B 401 -29.54 -5.57 -16.57
C GLN B 401 -30.19 -6.59 -15.66
N GLU B 402 -29.42 -7.55 -15.17
CA GLU B 402 -29.92 -8.58 -14.27
C GLU B 402 -29.93 -8.35 -12.78
N SER B 403 -28.95 -7.65 -12.24
CA SER B 403 -28.88 -7.42 -10.80
C SER B 403 -28.61 -5.97 -10.43
N GLY B 404 -29.42 -5.07 -10.97
CA GLY B 404 -29.26 -3.64 -10.71
C GLY B 404 -29.10 -3.32 -9.25
N ASN B 405 -30.14 -3.63 -8.48
CA ASN B 405 -30.08 -3.39 -7.05
C ASN B 405 -28.84 -4.10 -6.49
N GLY B 406 -28.55 -5.27 -7.05
CA GLY B 406 -27.40 -6.03 -6.67
C GLY B 406 -26.14 -5.18 -6.69
N PHE B 407 -25.91 -4.51 -7.85
CA PHE B 407 -24.77 -3.60 -8.01
C PHE B 407 -24.89 -2.55 -6.99
N VAL B 408 -25.79 -1.60 -7.22
CA VAL B 408 -26.10 -0.46 -6.35
C VAL B 408 -25.77 -0.64 -4.88
N ARG B 409 -26.35 -1.71 -4.32
CA ARG B 409 -26.12 -2.08 -2.92
C ARG B 409 -24.66 -2.42 -2.71
N HIS B 410 -24.11 -3.17 -3.65
CA HIS B 410 -22.71 -3.51 -3.61
C HIS B 410 -21.89 -2.23 -3.60
N ASN B 411 -22.14 -1.33 -4.56
CA ASN B 411 -21.35 -0.12 -4.71
C ASN B 411 -21.41 0.85 -3.57
N VAL B 412 -22.29 0.59 -2.63
CA VAL B 412 -22.44 1.46 -1.49
C VAL B 412 -21.18 1.50 -0.63
N SER B 413 -20.63 0.32 -0.39
CA SER B 413 -19.49 0.20 0.48
C SER B 413 -18.27 -0.22 -0.28
N CYS B 414 -18.46 -0.54 -1.55
CA CYS B 414 -17.33 -0.94 -2.37
C CYS B 414 -17.13 -0.11 -3.62
N LEU B 415 -15.87 0.02 -4.03
CA LEU B 415 -15.52 0.71 -5.25
C LEU B 415 -15.52 -0.24 -6.46
N SER B 416 -16.23 0.13 -7.53
CA SER B 416 -16.21 -0.63 -8.78
C SER B 416 -15.61 0.19 -9.92
N ARG B 417 -14.76 -0.43 -10.70
CA ARG B 417 -14.17 0.23 -11.86
C ARG B 417 -14.76 -0.32 -13.11
N ILE B 418 -15.01 0.57 -14.08
CA ILE B 418 -15.63 0.15 -15.35
C ILE B 418 -14.83 0.72 -16.46
N TYR B 419 -14.50 -0.14 -17.42
CA TYR B 419 -13.69 0.30 -18.56
C TYR B 419 -14.35 -0.04 -19.85
N PRO B 420 -13.91 0.63 -20.90
CA PRO B 420 -14.50 0.47 -22.21
C PRO B 420 -14.32 -0.89 -22.86
N ALA B 421 -15.37 -1.36 -23.55
CA ALA B 421 -15.34 -2.66 -24.28
C ALA B 421 -14.15 -2.73 -25.27
N GLY B 422 -13.62 -3.94 -25.42
CA GLY B 422 -12.45 -4.23 -26.24
C GLY B 422 -12.53 -3.83 -27.65
N TRP B 423 -13.74 -3.87 -28.25
CA TRP B 423 -13.84 -3.41 -29.63
C TRP B 423 -13.62 -1.93 -29.82
N ARG B 424 -13.44 -1.18 -28.74
CA ARG B 424 -13.24 0.26 -28.88
C ARG B 424 -11.84 0.68 -29.19
N THR B 425 -11.25 0.04 -30.19
CA THR B 425 -9.86 0.34 -30.57
C THR B 425 -9.66 1.74 -31.03
N ASP B 426 -10.76 2.40 -31.36
CA ASP B 426 -10.70 3.80 -31.77
C ASP B 426 -10.68 4.64 -30.56
N SER B 427 -10.63 4.04 -29.36
CA SER B 427 -10.61 4.83 -28.15
C SER B 427 -11.96 5.58 -28.00
N SER B 428 -13.01 5.11 -28.63
CA SER B 428 -14.30 5.73 -28.45
C SER B 428 -14.72 5.47 -27.01
N ASN B 429 -15.81 6.12 -26.55
CA ASN B 429 -16.27 6.00 -25.16
C ASN B 429 -17.69 5.60 -25.12
N TYR B 430 -18.11 5.07 -23.99
CA TYR B 430 -19.49 4.67 -23.77
C TYR B 430 -20.18 5.76 -22.87
N SER B 431 -21.45 5.59 -22.61
CA SER B 431 -22.16 6.56 -21.77
C SER B 431 -21.88 6.25 -20.34
N PRO B 432 -21.29 7.21 -19.63
CA PRO B 432 -20.97 7.06 -18.22
C PRO B 432 -22.23 6.97 -17.39
N VAL B 433 -23.25 7.69 -17.82
CA VAL B 433 -24.51 7.74 -17.09
C VAL B 433 -25.05 6.40 -16.70
N GLU B 434 -25.11 5.46 -17.66
CA GLU B 434 -25.61 4.13 -17.39
C GLU B 434 -24.91 3.52 -16.17
N MET B 435 -23.60 3.75 -16.07
CA MET B 435 -22.81 3.19 -14.98
C MET B 435 -23.11 3.90 -13.69
N TRP B 436 -23.11 5.23 -13.75
CA TRP B 436 -23.34 5.98 -12.54
C TRP B 436 -24.71 5.58 -12.02
N ASN B 437 -25.62 5.20 -12.89
CA ASN B 437 -26.94 4.86 -12.39
C ASN B 437 -26.96 3.62 -11.55
N GLY B 438 -25.88 2.87 -11.60
CA GLY B 438 -25.81 1.65 -10.81
C GLY B 438 -24.89 1.89 -9.59
N GLY B 439 -24.53 3.14 -9.39
CA GLY B 439 -23.65 3.41 -8.29
C GLY B 439 -22.18 3.29 -8.64
N CYS B 440 -21.84 2.78 -9.82
CA CYS B 440 -20.41 2.65 -10.18
C CYS B 440 -19.70 3.95 -10.07
N GLN B 441 -18.60 3.96 -9.34
CA GLN B 441 -17.85 5.17 -9.09
C GLN B 441 -16.60 5.39 -9.89
N ILE B 442 -15.92 4.33 -10.26
CA ILE B 442 -14.71 4.53 -11.08
C ILE B 442 -14.95 4.20 -12.55
N VAL B 443 -15.71 5.04 -13.20
CA VAL B 443 -16.10 4.87 -14.59
C VAL B 443 -15.07 5.48 -15.48
N ALA B 444 -14.28 4.60 -16.06
CA ALA B 444 -13.14 5.02 -16.84
C ALA B 444 -13.48 5.25 -18.26
N LEU B 445 -12.99 6.39 -18.77
CA LEU B 445 -13.23 6.79 -20.15
C LEU B 445 -11.91 7.22 -20.82
N ASN B 446 -11.93 7.19 -22.14
CA ASN B 446 -10.79 7.61 -22.93
C ASN B 446 -10.89 9.12 -22.98
N PHE B 447 -10.21 9.74 -22.00
CA PHE B 447 -10.18 11.19 -21.74
C PHE B 447 -9.60 12.00 -22.89
N GLN B 448 -9.24 11.30 -23.95
CA GLN B 448 -8.54 11.89 -25.13
C GLN B 448 -9.50 12.07 -26.29
N THR B 449 -10.66 11.42 -26.17
CA THR B 449 -11.63 11.40 -27.24
C THR B 449 -12.81 12.34 -27.11
N PRO B 450 -12.80 13.44 -27.88
CA PRO B 450 -13.91 14.37 -27.82
C PRO B 450 -15.15 13.62 -28.16
N GLY B 451 -16.25 13.99 -27.53
CA GLY B 451 -17.53 13.38 -27.80
C GLY B 451 -18.49 13.72 -26.71
N PRO B 452 -19.76 13.44 -26.97
CA PRO B 452 -20.78 13.69 -25.98
C PRO B 452 -20.41 13.01 -24.70
N GLU B 453 -19.75 11.84 -24.80
CA GLU B 453 -19.46 11.10 -23.58
C GLU B 453 -18.56 11.84 -22.65
N MET B 454 -17.48 12.38 -23.17
CA MET B 454 -16.61 13.14 -22.27
C MET B 454 -17.29 14.44 -21.86
N ASP B 455 -18.17 14.92 -22.74
CA ASP B 455 -18.84 16.20 -22.55
C ASP B 455 -19.66 16.05 -21.31
N VAL B 456 -20.42 14.97 -21.28
CA VAL B 456 -21.25 14.73 -20.13
C VAL B 456 -20.37 14.40 -18.95
N TYR B 457 -19.27 13.72 -19.17
CA TYR B 457 -18.41 13.29 -18.07
C TYR B 457 -17.87 14.45 -17.34
N LEU B 458 -17.21 15.34 -18.06
CA LEU B 458 -16.64 16.50 -17.43
C LEU B 458 -17.67 17.53 -16.96
N GLY B 459 -18.91 17.38 -17.36
CA GLY B 459 -19.89 18.36 -16.93
C GLY B 459 -20.24 17.97 -15.50
N CYS B 460 -20.37 16.67 -15.31
CA CYS B 460 -20.66 16.10 -14.04
C CYS B 460 -19.56 16.50 -13.11
N PHE B 461 -18.33 16.30 -13.53
CA PHE B 461 -17.22 16.63 -12.68
C PHE B 461 -16.85 18.07 -12.60
N GLN B 462 -17.68 18.89 -13.19
CA GLN B 462 -17.45 20.34 -13.17
C GLN B 462 -18.03 20.74 -11.83
N ASP B 463 -18.99 19.95 -11.37
CA ASP B 463 -19.63 20.14 -10.11
C ASP B 463 -18.64 19.97 -9.00
N ASN B 464 -19.04 20.32 -7.79
CA ASN B 464 -18.19 20.24 -6.61
C ASN B 464 -16.86 20.85 -6.83
N GLY B 465 -16.81 21.92 -7.55
CA GLY B 465 -15.56 22.60 -7.72
C GLY B 465 -14.57 21.87 -8.52
N GLY B 466 -15.04 20.83 -9.22
CA GLY B 466 -14.20 19.99 -10.09
C GLY B 466 -13.03 19.40 -9.34
N CYS B 467 -13.27 19.00 -8.09
CA CYS B 467 -12.23 18.43 -7.23
C CYS B 467 -11.95 16.98 -7.65
N GLY B 468 -12.91 16.41 -8.40
CA GLY B 468 -12.80 15.08 -8.93
C GLY B 468 -13.69 14.10 -8.24
N TYR B 469 -14.17 14.45 -7.05
CA TYR B 469 -15.04 13.56 -6.28
C TYR B 469 -16.35 14.23 -6.08
N VAL B 470 -17.40 13.54 -6.47
CA VAL B 470 -18.75 14.05 -6.41
C VAL B 470 -19.60 13.02 -5.70
N LEU B 471 -20.25 13.46 -4.63
CA LEU B 471 -21.02 12.62 -3.75
C LEU B 471 -22.26 12.11 -4.39
N LYS B 472 -22.50 10.82 -4.25
CA LYS B 472 -23.64 10.17 -4.88
C LYS B 472 -24.86 10.56 -4.15
N PRO B 473 -26.02 10.37 -4.76
CA PRO B 473 -27.27 10.70 -4.09
C PRO B 473 -27.42 9.77 -2.89
N ALA B 474 -28.21 10.20 -1.93
CA ALA B 474 -28.39 9.41 -0.72
C ALA B 474 -28.87 8.04 -1.00
N PHE B 475 -29.88 7.88 -1.82
CA PHE B 475 -30.38 6.52 -2.07
C PHE B 475 -29.33 5.56 -2.58
N LEU B 476 -28.20 6.09 -3.06
CA LEU B 476 -27.11 5.26 -3.60
C LEU B 476 -26.07 5.14 -2.54
N ARG B 477 -26.38 5.65 -1.37
CA ARG B 477 -25.46 5.60 -0.26
C ARG B 477 -26.09 4.82 0.89
N ASP B 478 -27.28 4.27 0.60
CA ASP B 478 -28.07 3.50 1.54
C ASP B 478 -27.90 2.03 1.24
N PRO B 479 -27.24 1.32 2.14
CA PRO B 479 -26.97 -0.09 1.97
C PRO B 479 -28.21 -0.94 1.78
N ASN B 480 -29.36 -0.39 2.16
CA ASN B 480 -30.61 -1.13 2.07
C ASN B 480 -31.56 -0.62 1.02
N THR B 481 -31.08 0.25 0.14
CA THR B 481 -31.90 0.80 -0.91
C THR B 481 -32.55 -0.25 -1.75
N THR B 482 -33.76 -0.02 -2.19
CA THR B 482 -34.38 -0.98 -3.10
C THR B 482 -34.40 -0.39 -4.51
N PHE B 483 -33.47 0.55 -4.72
CA PHE B 483 -33.36 1.28 -5.96
C PHE B 483 -32.87 0.44 -7.12
N ASN B 484 -33.37 0.74 -8.32
CA ASN B 484 -32.97 0.08 -9.54
C ASN B 484 -33.46 0.91 -10.69
N SER B 485 -32.59 1.79 -11.18
CA SER B 485 -32.91 2.74 -12.23
C SER B 485 -33.57 2.09 -13.39
N ARG B 486 -33.40 0.79 -13.47
CA ARG B 486 -33.97 0.01 -14.56
C ARG B 486 -35.39 -0.48 -14.23
N ALA B 487 -35.72 -0.52 -12.94
CA ALA B 487 -37.04 -0.94 -12.47
C ALA B 487 -37.46 0.02 -11.38
N LEU B 488 -37.88 1.21 -11.80
CA LEU B 488 -38.29 2.23 -10.84
C LEU B 488 -39.59 1.97 -10.07
N THR B 489 -39.52 2.21 -8.76
CA THR B 489 -40.68 2.07 -7.87
C THR B 489 -40.64 3.33 -7.02
N GLN B 490 -41.70 3.57 -6.28
CA GLN B 490 -41.70 4.76 -5.44
C GLN B 490 -40.55 4.66 -4.46
N GLY B 491 -39.99 5.82 -4.14
CA GLY B 491 -38.84 5.85 -3.24
C GLY B 491 -38.35 7.27 -3.25
N PRO B 492 -37.42 7.57 -2.38
CA PRO B 492 -36.84 8.90 -2.27
C PRO B 492 -36.28 9.44 -3.60
N TRP B 493 -35.84 8.53 -4.46
CA TRP B 493 -35.27 8.91 -5.72
C TRP B 493 -36.35 9.40 -6.69
N TRP B 494 -37.58 8.99 -6.44
CA TRP B 494 -38.69 9.38 -7.28
C TRP B 494 -39.21 10.76 -6.86
N ARG B 495 -38.85 11.77 -7.63
CA ARG B 495 -39.22 13.15 -7.37
C ARG B 495 -39.45 13.89 -8.68
N PRO B 496 -40.50 13.54 -9.37
CA PRO B 496 -40.79 14.14 -10.67
C PRO B 496 -40.82 15.67 -10.69
N GLU B 497 -40.15 16.24 -11.69
CA GLU B 497 -40.11 17.70 -11.89
C GLU B 497 -40.37 18.08 -13.32
N ARG B 498 -40.83 19.32 -13.52
CA ARG B 498 -41.08 19.84 -14.87
C ARG B 498 -39.99 20.80 -15.20
N LEU B 499 -39.22 20.49 -16.21
CA LEU B 499 -38.20 21.43 -16.60
C LEU B 499 -38.59 22.07 -17.88
N ARG B 500 -38.39 23.40 -17.93
CA ARG B 500 -38.62 24.19 -19.13
C ARG B 500 -37.39 24.94 -19.42
N VAL B 501 -36.99 24.88 -20.68
CA VAL B 501 -35.80 25.59 -21.17
C VAL B 501 -36.21 26.28 -22.43
N ARG B 502 -35.90 27.58 -22.49
CA ARG B 502 -36.20 28.43 -23.63
C ARG B 502 -34.91 28.80 -24.21
N ILE B 503 -34.74 28.40 -25.45
CA ILE B 503 -33.57 28.75 -26.14
C ILE B 503 -34.00 30.02 -26.75
N ILE B 504 -33.45 31.11 -26.24
CA ILE B 504 -33.84 32.43 -26.71
C ILE B 504 -32.96 32.79 -27.91
N SER B 505 -31.70 32.97 -27.62
CA SER B 505 -30.81 33.37 -28.67
C SER B 505 -29.37 32.89 -28.35
N GLY B 506 -28.48 32.96 -29.35
CA GLY B 506 -27.07 32.63 -29.14
C GLY B 506 -26.22 33.86 -29.40
N GLN B 507 -25.06 33.95 -28.75
CA GLN B 507 -24.16 35.09 -28.95
C GLN B 507 -22.78 34.69 -29.37
N GLN B 508 -22.38 35.12 -30.56
CA GLN B 508 -20.99 34.91 -31.04
C GLN B 508 -20.55 33.49 -31.12
N LEU B 509 -21.38 32.68 -31.73
CA LEU B 509 -21.03 31.28 -31.92
C LEU B 509 -19.71 31.28 -32.70
N PRO B 510 -18.76 30.47 -32.23
CA PRO B 510 -17.47 30.35 -32.88
C PRO B 510 -17.58 29.72 -34.28
N LYS B 511 -16.70 30.18 -35.18
CA LYS B 511 -16.66 29.66 -36.55
C LYS B 511 -15.82 28.40 -36.47
N VAL B 512 -16.49 27.27 -36.53
CA VAL B 512 -15.89 25.94 -36.35
C VAL B 512 -14.83 25.55 -37.34
N ASN B 513 -15.27 24.75 -38.29
CA ASN B 513 -14.44 24.27 -39.35
C ASN B 513 -14.35 25.44 -40.33
N LYS B 514 -15.00 25.29 -41.47
CA LYS B 514 -15.03 26.33 -42.47
C LYS B 514 -13.69 26.99 -42.79
N ASN B 515 -13.34 28.03 -41.98
CA ASN B 515 -12.10 28.86 -42.11
C ASN B 515 -12.28 30.09 -43.01
N LYS B 516 -13.26 30.02 -43.92
CA LYS B 516 -13.58 31.06 -44.90
C LYS B 516 -14.53 32.15 -44.35
N ASN B 517 -15.11 32.92 -45.24
CA ASN B 517 -16.05 33.95 -44.80
C ASN B 517 -17.39 33.26 -44.59
N SER B 518 -17.33 31.93 -44.61
CA SER B 518 -18.51 31.07 -44.41
C SER B 518 -19.12 31.26 -43.02
N ILE B 519 -20.45 31.45 -42.97
CA ILE B 519 -21.19 31.72 -41.73
C ILE B 519 -22.09 30.58 -41.25
N VAL B 520 -21.96 30.25 -39.96
CA VAL B 520 -22.72 29.16 -39.30
C VAL B 520 -24.22 29.15 -39.48
N ASP B 521 -24.79 27.96 -39.54
CA ASP B 521 -26.22 27.89 -39.69
C ASP B 521 -26.70 27.15 -38.47
N PRO B 522 -26.52 27.81 -37.30
CA PRO B 522 -26.83 27.22 -36.01
C PRO B 522 -28.19 26.73 -35.73
N LYS B 523 -28.20 25.69 -34.91
CA LYS B 523 -29.39 25.01 -34.37
C LYS B 523 -28.98 24.46 -32.97
N VAL B 524 -29.96 24.23 -32.11
CA VAL B 524 -29.62 23.84 -30.78
C VAL B 524 -30.31 22.63 -30.38
N ILE B 525 -29.56 21.79 -29.66
CA ILE B 525 -30.10 20.53 -29.20
C ILE B 525 -30.04 20.56 -27.68
N VAL B 526 -31.11 20.08 -27.07
CA VAL B 526 -31.17 20.11 -25.66
C VAL B 526 -31.46 18.68 -25.31
N GLU B 527 -30.61 18.14 -24.45
CA GLU B 527 -30.76 16.74 -24.08
C GLU B 527 -30.82 16.56 -22.61
N ILE B 528 -31.57 15.53 -22.22
CA ILE B 528 -31.66 15.18 -20.85
C ILE B 528 -31.05 13.79 -20.71
N HIS B 529 -29.98 13.73 -19.92
CA HIS B 529 -29.33 12.45 -19.61
C HIS B 529 -29.66 12.09 -18.15
N GLY B 530 -30.09 10.84 -17.94
CA GLY B 530 -30.48 10.36 -16.62
C GLY B 530 -30.91 8.92 -16.67
N VAL B 531 -31.88 8.56 -15.85
CA VAL B 531 -32.37 7.20 -15.87
C VAL B 531 -32.97 7.10 -17.24
N GLY B 532 -33.04 5.88 -17.75
CA GLY B 532 -33.48 5.64 -19.11
C GLY B 532 -34.79 6.30 -19.38
N ARG B 533 -35.66 6.21 -18.39
CA ARG B 533 -36.98 6.77 -18.52
C ARG B 533 -36.96 8.27 -18.76
N ASP B 534 -35.97 8.96 -18.20
CA ASP B 534 -35.90 10.39 -18.28
C ASP B 534 -35.14 10.91 -19.45
N THR B 535 -34.37 10.05 -20.10
CA THR B 535 -33.56 10.53 -21.23
C THR B 535 -34.44 11.01 -22.33
N GLY B 536 -34.15 12.19 -22.85
CA GLY B 536 -34.95 12.82 -23.89
C GLY B 536 -34.03 13.78 -24.62
N SER B 537 -34.45 14.16 -25.83
CA SER B 537 -33.69 15.14 -26.65
C SER B 537 -34.63 16.02 -27.49
N ARG B 538 -34.26 17.25 -27.77
CA ARG B 538 -35.10 18.08 -28.60
C ARG B 538 -34.22 19.00 -29.34
N GLN B 539 -34.72 19.51 -30.48
CA GLN B 539 -33.94 20.49 -31.26
C GLN B 539 -34.67 21.67 -31.82
N THR B 540 -33.99 22.81 -31.87
CA THR B 540 -34.56 24.02 -32.41
C THR B 540 -34.48 23.95 -33.93
N ALA B 541 -34.91 24.99 -34.59
CA ALA B 541 -34.81 25.02 -36.02
C ALA B 541 -33.44 25.60 -36.32
N VAL B 542 -33.10 25.64 -37.62
CA VAL B 542 -31.81 26.17 -38.01
C VAL B 542 -31.95 27.63 -38.41
N ILE B 543 -31.02 28.43 -37.98
CA ILE B 543 -31.03 29.79 -38.37
C ILE B 543 -29.94 29.85 -39.40
N THR B 544 -30.32 30.20 -40.61
CA THR B 544 -29.39 30.29 -41.71
C THR B 544 -28.45 31.48 -41.67
N ASN B 545 -27.18 31.22 -41.86
CA ASN B 545 -26.16 32.28 -41.87
C ASN B 545 -26.20 33.27 -40.74
N ASN B 546 -26.02 32.83 -39.50
CA ASN B 546 -25.96 33.74 -38.34
C ASN B 546 -25.34 33.02 -37.19
N GLY B 547 -24.21 33.50 -36.68
CA GLY B 547 -23.59 32.87 -35.54
C GLY B 547 -23.24 33.99 -34.59
N PHE B 548 -23.56 35.22 -34.94
CA PHE B 548 -23.24 36.35 -34.07
C PHE B 548 -24.36 36.59 -33.10
N ASN B 549 -25.58 36.40 -33.57
CA ASN B 549 -26.76 36.63 -32.77
C ASN B 549 -27.97 35.92 -33.26
N PRO B 550 -27.83 34.63 -33.45
CA PRO B 550 -28.98 33.84 -33.89
C PRO B 550 -30.04 33.97 -32.76
N ARG B 551 -31.30 33.87 -33.12
CA ARG B 551 -32.33 34.00 -32.11
C ARG B 551 -33.41 33.07 -32.44
N TRP B 552 -33.60 32.08 -31.58
CA TRP B 552 -34.56 31.01 -31.80
C TRP B 552 -35.85 31.20 -31.05
N ASP B 553 -35.75 31.61 -29.78
CA ASP B 553 -36.93 31.77 -28.90
C ASP B 553 -37.86 30.58 -28.97
N MET B 554 -37.27 29.40 -28.72
CA MET B 554 -38.00 28.15 -28.74
C MET B 554 -37.87 27.54 -27.37
N GLU B 555 -38.93 26.84 -26.95
CA GLU B 555 -38.93 26.29 -25.66
C GLU B 555 -39.37 24.89 -25.67
N PHE B 556 -38.73 24.13 -24.81
CA PHE B 556 -38.99 22.72 -24.64
C PHE B 556 -39.25 22.49 -23.15
N GLU B 557 -39.95 21.40 -22.90
CA GLU B 557 -40.35 21.00 -21.59
C GLU B 557 -40.10 19.53 -21.46
N PHE B 558 -39.39 19.17 -20.39
CA PHE B 558 -39.08 17.80 -20.10
C PHE B 558 -39.61 17.45 -18.74
N GLU B 559 -40.04 16.20 -18.61
CA GLU B 559 -40.46 15.66 -17.34
C GLU B 559 -39.36 14.76 -16.79
N VAL B 560 -38.82 15.11 -15.65
CA VAL B 560 -37.74 14.32 -15.08
C VAL B 560 -38.13 13.71 -13.75
N THR B 561 -38.22 12.39 -13.72
CA THR B 561 -38.63 11.68 -12.54
C THR B 561 -37.55 11.40 -11.50
N VAL B 562 -36.30 11.27 -11.92
CA VAL B 562 -35.20 11.02 -11.00
C VAL B 562 -34.10 12.04 -11.20
N PRO B 563 -34.42 13.29 -10.94
CA PRO B 563 -33.49 14.39 -11.14
C PRO B 563 -32.14 14.24 -10.51
N ASP B 564 -32.07 13.54 -9.40
CA ASP B 564 -30.79 13.44 -8.74
C ASP B 564 -29.78 12.74 -9.64
N LEU B 565 -30.25 12.12 -10.69
CA LEU B 565 -29.31 11.42 -11.57
C LEU B 565 -29.21 12.03 -12.95
N ALA B 566 -29.89 13.17 -13.15
CA ALA B 566 -29.94 13.85 -14.43
C ALA B 566 -28.93 14.92 -14.67
N LEU B 567 -28.72 15.17 -15.96
CA LEU B 567 -27.80 16.20 -16.45
C LEU B 567 -28.49 16.75 -17.68
N VAL B 568 -28.26 18.02 -17.92
CA VAL B 568 -28.89 18.72 -19.01
C VAL B 568 -27.82 19.13 -19.95
N ARG B 569 -28.04 18.82 -21.23
CA ARG B 569 -27.02 19.18 -22.18
C ARG B 569 -27.48 20.10 -23.30
N PHE B 570 -26.66 21.09 -23.51
CA PHE B 570 -26.90 22.01 -24.61
C PHE B 570 -25.84 21.80 -25.66
N MET B 571 -26.31 21.48 -26.86
CA MET B 571 -25.40 21.36 -27.98
C MET B 571 -25.78 22.21 -29.19
N VAL B 572 -24.79 22.93 -29.74
CA VAL B 572 -24.96 23.80 -30.89
C VAL B 572 -24.26 23.23 -32.12
N GLU B 573 -25.04 22.84 -33.12
CA GLU B 573 -24.52 22.31 -34.37
C GLU B 573 -24.63 23.29 -35.53
N ASP B 574 -23.69 23.22 -36.45
CA ASP B 574 -23.72 24.00 -37.67
C ASP B 574 -24.37 23.09 -38.66
N TYR B 575 -25.59 23.45 -39.05
CA TYR B 575 -26.29 22.65 -39.98
C TYR B 575 -25.66 22.62 -41.37
N ASP B 576 -25.59 21.45 -42.01
CA ASP B 576 -25.02 21.37 -43.36
C ASP B 576 -25.89 20.42 -44.07
N SER B 577 -26.41 20.93 -45.24
CA SER B 577 -27.34 20.24 -46.06
C SER B 577 -26.91 18.89 -46.61
N SER B 578 -25.66 18.84 -47.08
CA SER B 578 -25.08 17.67 -47.76
C SER B 578 -23.97 16.98 -46.99
N SER B 579 -24.01 17.10 -45.66
CA SER B 579 -22.97 16.55 -44.81
C SER B 579 -23.41 16.36 -43.35
N LYS B 580 -22.43 15.99 -42.51
CA LYS B 580 -22.66 15.78 -41.08
C LYS B 580 -22.60 17.16 -40.44
N ASN B 581 -23.62 17.48 -39.64
CA ASN B 581 -23.69 18.80 -39.04
C ASN B 581 -22.52 19.04 -38.11
N ASP B 582 -21.64 19.96 -38.47
CA ASP B 582 -20.50 20.29 -37.59
C ASP B 582 -20.88 20.75 -36.20
N PHE B 583 -20.14 20.27 -35.21
CA PHE B 583 -20.42 20.62 -33.84
C PHE B 583 -19.78 21.99 -33.67
N ILE B 584 -20.48 22.89 -32.94
CA ILE B 584 -20.03 24.26 -32.66
C ILE B 584 -19.62 24.45 -31.17
N GLY B 585 -20.44 23.97 -30.27
CA GLY B 585 -20.12 24.14 -28.85
C GLY B 585 -21.16 23.36 -28.09
N GLN B 586 -20.92 23.14 -26.80
CA GLN B 586 -21.80 22.33 -25.95
C GLN B 586 -21.62 22.76 -24.51
N SER B 587 -22.52 22.32 -23.64
CA SER B 587 -22.39 22.58 -22.19
C SER B 587 -23.29 21.62 -21.48
N THR B 588 -22.77 20.94 -20.46
CA THR B 588 -23.56 19.96 -19.69
C THR B 588 -23.64 20.31 -18.24
N ILE B 589 -24.84 20.53 -17.75
CA ILE B 589 -25.00 20.93 -16.38
C ILE B 589 -25.76 19.88 -15.60
N PRO B 590 -25.17 19.47 -14.49
CA PRO B 590 -25.79 18.47 -13.64
C PRO B 590 -27.10 19.09 -13.20
N TRP B 591 -28.16 18.29 -13.13
CA TRP B 591 -29.44 18.81 -12.71
C TRP B 591 -29.45 19.74 -11.50
N ASN B 592 -28.86 19.34 -10.37
CA ASN B 592 -28.87 20.22 -9.18
C ASN B 592 -28.00 21.48 -9.27
N SER B 593 -27.30 21.66 -10.39
CA SER B 593 -26.43 22.85 -10.53
C SER B 593 -27.05 23.80 -11.54
N LEU B 594 -28.19 23.38 -12.06
CA LEU B 594 -28.92 24.13 -13.06
C LEU B 594 -29.67 25.31 -12.44
N LYS B 595 -29.16 26.49 -12.65
CA LYS B 595 -29.78 27.69 -12.13
C LYS B 595 -31.04 28.11 -12.95
N GLN B 596 -31.99 28.77 -12.30
CA GLN B 596 -33.24 29.12 -12.96
C GLN B 596 -33.32 30.57 -13.41
N GLY B 597 -34.23 30.87 -14.32
CA GLY B 597 -34.34 32.23 -14.79
C GLY B 597 -33.61 32.49 -16.08
N TYR B 598 -33.11 33.71 -16.17
CA TYR B 598 -32.41 34.18 -17.32
C TYR B 598 -30.96 33.95 -17.06
N ARG B 599 -30.37 33.09 -17.86
CA ARG B 599 -28.95 32.76 -17.72
C ARG B 599 -28.34 32.61 -19.08
N HIS B 600 -27.04 32.68 -19.08
CA HIS B 600 -26.27 32.38 -20.27
C HIS B 600 -25.61 30.98 -20.09
N VAL B 601 -25.58 30.20 -21.16
CA VAL B 601 -24.89 28.90 -21.14
C VAL B 601 -23.61 29.18 -21.83
N HIS B 602 -22.51 28.95 -21.16
CA HIS B 602 -21.19 29.21 -21.75
C HIS B 602 -20.66 27.94 -22.47
N LEU B 603 -20.56 28.03 -23.79
CA LEU B 603 -20.16 26.93 -24.64
C LEU B 603 -18.71 26.54 -24.63
N LEU B 604 -18.50 25.22 -24.67
CA LEU B 604 -17.15 24.64 -24.68
C LEU B 604 -16.83 23.97 -26.02
N SER B 605 -15.54 23.89 -26.34
CA SER B 605 -15.07 23.23 -27.59
C SER B 605 -15.17 21.73 -27.41
N LYS B 606 -14.93 20.98 -28.47
CA LYS B 606 -15.01 19.50 -28.42
C LYS B 606 -13.93 19.04 -27.45
N ASN B 607 -12.93 19.90 -27.25
CA ASN B 607 -11.82 19.58 -26.31
C ASN B 607 -12.07 20.10 -24.95
N GLY B 608 -13.29 20.47 -24.66
CA GLY B 608 -13.58 20.95 -23.35
C GLY B 608 -12.99 22.27 -23.06
N ASP B 609 -12.52 22.97 -24.07
CA ASP B 609 -12.00 24.32 -23.86
C ASP B 609 -13.12 25.36 -23.78
N GLN B 610 -12.90 26.38 -22.99
CA GLN B 610 -13.89 27.43 -22.82
C GLN B 610 -13.80 28.46 -23.92
N HIS B 611 -14.79 28.62 -24.80
CA HIS B 611 -14.64 29.69 -25.80
C HIS B 611 -15.02 30.97 -25.07
N PRO B 612 -14.19 32.00 -25.20
CA PRO B 612 -14.38 33.28 -24.53
C PRO B 612 -15.79 33.92 -24.55
N SER B 613 -16.33 34.20 -25.74
CA SER B 613 -17.62 34.87 -25.83
C SER B 613 -18.74 34.07 -26.41
N ALA B 614 -18.57 32.79 -26.59
CA ALA B 614 -19.65 32.05 -27.19
C ALA B 614 -20.62 31.63 -26.10
N THR B 615 -21.87 32.10 -26.17
CA THR B 615 -22.87 31.74 -25.17
C THR B 615 -24.19 31.51 -25.78
N LEU B 616 -25.06 30.99 -24.96
CA LEU B 616 -26.46 30.80 -25.31
C LEU B 616 -27.15 31.59 -24.22
N PHE B 617 -28.27 32.20 -24.58
CA PHE B 617 -29.05 32.94 -23.60
C PHE B 617 -30.38 32.16 -23.46
N VAL B 618 -30.67 31.72 -22.24
CA VAL B 618 -31.84 30.91 -22.03
C VAL B 618 -32.67 31.38 -20.79
N LYS B 619 -33.85 30.78 -20.64
CA LYS B 619 -34.69 31.01 -19.49
C LYS B 619 -35.08 29.60 -18.96
N ILE B 620 -34.64 29.31 -17.75
CA ILE B 620 -34.91 28.03 -17.16
C ILE B 620 -35.88 28.11 -16.01
N SER B 621 -36.73 27.14 -15.95
CA SER B 621 -37.64 27.01 -14.83
C SER B 621 -37.84 25.54 -14.52
N ILE B 622 -37.80 25.23 -13.24
CA ILE B 622 -37.96 23.88 -12.71
C ILE B 622 -39.10 23.92 -11.69
N GLN B 623 -40.06 23.02 -11.86
CA GLN B 623 -41.22 22.97 -10.99
C GLN B 623 -41.56 21.54 -10.76
N ASP B 624 -42.64 21.35 -10.03
CA ASP B 624 -43.11 20.01 -9.72
C ASP B 624 -44.38 19.59 -10.48
#